data_4PGP
#
_entry.id   4PGP
#
_cell.length_a   50.286
_cell.length_b   145.536
_cell.length_c   97.919
_cell.angle_alpha   90.000
_cell.angle_beta   92.190
_cell.angle_gamma   90.000
#
_symmetry.space_group_name_H-M   'P 1 21 1'
#
loop_
_entity.id
_entity.type
_entity.pdbx_description
1 polymer 'Extracellular solute-binding protein, family 7'
2 non-polymer '1H-INDOL-3-YLACETIC ACID'
3 non-polymer 1,2-ETHANEDIOL
4 water water
#
_entity_poly.entity_id   1
_entity_poly.type   'polypeptide(L)'
_entity_poly.pdbx_seq_one_letter_code
;MHHHHHHSSGVDLGTENLYFQSMQPVTLNYANFPPASTFPCIQMEQWAHEVRTRTRGKVDVLTYPGGTLLGARNMLRGVM
SGQADIGCISLAYHPGVFPVMSVFELPLGFTSAEAASSVLWELYSGLRPAELERVKVLTMFTSAPSHFMTVTPVRSLRDL
QGMEIRGAGTLSAILEKLGATPVSMPMPEVPEAVQKGIIKGLFTSLDVMKDMNFAEMTGHVTRADQAVYPFAVIMNREAW
ERLSPDVQQVLDGLAAEHAAWTGRYLDAHVQDSMRWAEEKHGVQVHTLPEEDIAAMRRSVQPLFDAWAQRAADKGADPDA
VMRTVDALKAQYGG
;
_entity_poly.pdbx_strand_id   A,B,C,D
#
# COMPACT_ATOMS: atom_id res chain seq x y z
N PRO A 25 39.60 -13.18 4.60
CA PRO A 25 38.60 -12.21 5.06
C PRO A 25 37.49 -11.98 4.03
N VAL A 26 36.30 -12.43 4.40
CA VAL A 26 35.11 -12.37 3.54
C VAL A 26 33.99 -11.73 4.36
N THR A 27 33.14 -10.93 3.72
CA THR A 27 32.08 -10.20 4.40
C THR A 27 30.76 -10.50 3.73
N LEU A 28 29.77 -10.89 4.53
CA LEU A 28 28.49 -11.28 3.97
C LEU A 28 27.42 -10.27 4.35
N ASN A 29 26.69 -9.79 3.35
CA ASN A 29 25.52 -8.96 3.59
C ASN A 29 24.29 -9.79 3.98
N TYR A 30 23.67 -9.39 5.07
CA TYR A 30 22.54 -10.10 5.67
C TYR A 30 21.30 -9.19 5.62
N ALA A 31 20.39 -9.46 4.70
CA ALA A 31 19.14 -8.71 4.57
C ALA A 31 18.15 -9.09 5.64
N ASN A 32 17.50 -8.10 6.24
CA ASN A 32 16.33 -8.39 7.06
C ASN A 32 15.20 -7.40 6.80
N PHE A 33 13.97 -7.75 7.23
CA PHE A 33 12.78 -6.97 6.87
C PHE A 33 12.09 -6.09 7.96
N PRO A 34 12.05 -6.54 9.23
CA PRO A 34 11.40 -5.70 10.25
C PRO A 34 12.37 -4.71 10.95
N PRO A 35 11.84 -3.79 11.79
CA PRO A 35 12.72 -2.85 12.51
C PRO A 35 13.78 -3.58 13.37
N ALA A 36 14.87 -2.91 13.73
CA ALA A 36 16.01 -3.56 14.40
C ALA A 36 15.69 -4.06 15.82
N SER A 37 14.62 -3.53 16.41
CA SER A 37 14.27 -3.85 17.76
C SER A 37 13.48 -5.16 17.81
N THR A 38 12.94 -5.61 16.68
CA THR A 38 12.15 -6.83 16.67
C THR A 38 13.00 -8.11 16.67
N PHE A 39 12.40 -9.26 16.99
CA PHE A 39 13.21 -10.42 17.30
C PHE A 39 13.92 -11.02 16.06
N PRO A 40 13.29 -11.04 14.87
CA PRO A 40 14.07 -11.46 13.70
C PRO A 40 15.41 -10.71 13.52
N CYS A 41 15.46 -9.45 13.93
CA CYS A 41 16.65 -8.64 13.82
C CYS A 41 17.61 -8.83 14.98
N ILE A 42 17.08 -9.02 16.20
CA ILE A 42 17.91 -9.30 17.36
C ILE A 42 18.62 -10.63 17.15
N GLN A 43 17.94 -11.63 16.62
CA GLN A 43 18.59 -12.91 16.41
C GLN A 43 19.66 -12.83 15.34
N MET A 44 19.45 -12.05 14.28
CA MET A 44 20.44 -11.84 13.22
C MET A 44 21.71 -11.22 13.79
N GLU A 45 21.56 -10.27 14.72
CA GLU A 45 22.70 -9.63 15.34
C GLU A 45 23.48 -10.61 16.22
N GLN A 46 22.77 -11.51 16.91
CA GLN A 46 23.42 -12.50 17.78
C GLN A 46 24.13 -13.54 16.95
N TRP A 47 23.50 -13.91 15.84
CA TRP A 47 24.09 -14.79 14.85
C TRP A 47 25.40 -14.22 14.26
N ALA A 48 25.31 -12.98 13.79
CA ALA A 48 26.46 -12.30 13.26
C ALA A 48 27.55 -12.29 14.30
N HIS A 49 27.23 -11.99 15.56
CA HIS A 49 28.25 -11.98 16.60
C HIS A 49 28.98 -13.36 16.81
N GLU A 50 28.24 -14.45 16.68
CA GLU A 50 28.83 -15.78 16.88
C GLU A 50 29.70 -16.19 15.69
N VAL A 51 29.26 -15.90 14.48
CA VAL A 51 30.07 -16.08 13.28
C VAL A 51 31.41 -15.33 13.35
N ARG A 52 31.40 -14.04 13.67
CA ARG A 52 32.65 -13.30 13.85
C ARG A 52 33.54 -13.98 14.89
N THR A 53 32.96 -14.47 15.98
CA THR A 53 33.75 -15.02 17.08
C THR A 53 34.34 -16.39 16.77
N ARG A 54 33.48 -17.29 16.29
CA ARG A 54 33.84 -18.67 16.02
C ARG A 54 34.74 -18.82 14.79
N THR A 55 34.65 -17.87 13.87
CA THR A 55 35.58 -17.91 12.75
C THR A 55 36.80 -17.03 13.00
N ARG A 56 37.01 -16.63 14.24
CA ARG A 56 38.13 -15.76 14.61
C ARG A 56 38.45 -14.66 13.57
N GLY A 57 37.41 -13.97 13.12
CA GLY A 57 37.55 -12.85 12.19
C GLY A 57 37.51 -13.21 10.71
N LYS A 58 37.68 -14.50 10.40
CA LYS A 58 37.65 -14.95 9.01
C LYS A 58 36.34 -14.55 8.34
N VAL A 59 35.22 -14.55 9.06
CA VAL A 59 33.96 -14.08 8.46
C VAL A 59 33.37 -12.86 9.17
N ASP A 60 32.96 -11.86 8.38
CA ASP A 60 32.22 -10.73 8.93
C ASP A 60 30.81 -10.64 8.33
N VAL A 61 29.90 -10.01 9.08
CA VAL A 61 28.55 -9.80 8.59
C VAL A 61 28.10 -8.36 8.68
N LEU A 62 27.75 -7.78 7.54
CA LEU A 62 27.09 -6.48 7.50
C LEU A 62 25.55 -6.68 7.42
N THR A 63 24.83 -6.20 8.44
CA THR A 63 23.40 -6.40 8.52
C THR A 63 22.66 -5.18 7.98
N TYR A 64 21.60 -5.44 7.22
CA TYR A 64 20.77 -4.37 6.78
C TYR A 64 19.37 -4.62 7.32
N PRO A 65 19.09 -4.16 8.55
CA PRO A 65 17.75 -4.26 9.13
C PRO A 65 16.77 -3.25 8.52
N GLY A 66 15.48 -3.50 8.73
CA GLY A 66 14.45 -2.57 8.33
C GLY A 66 14.20 -2.49 6.85
N GLY A 67 14.64 -3.50 6.11
CA GLY A 67 14.28 -3.62 4.71
C GLY A 67 15.02 -2.72 3.75
N THR A 68 16.21 -2.27 4.16
CA THR A 68 17.01 -1.35 3.34
C THR A 68 17.75 -2.03 2.18
N LEU A 69 18.05 -3.32 2.31
CA LEU A 69 18.66 -4.10 1.25
C LEU A 69 17.60 -4.95 0.51
N LEU A 70 16.85 -5.76 1.27
CA LEU A 70 15.69 -6.47 0.76
C LEU A 70 14.59 -6.38 1.82
N GLY A 71 13.34 -6.31 1.36
CA GLY A 71 12.19 -6.29 2.26
C GLY A 71 11.50 -7.64 2.32
N ALA A 72 10.28 -7.66 2.84
CA ALA A 72 9.59 -8.89 3.17
C ALA A 72 9.18 -9.72 1.97
N ARG A 73 8.72 -9.08 0.91
CA ARG A 73 8.21 -9.77 -0.27
C ARG A 73 9.27 -10.05 -1.34
N ASN A 74 10.39 -9.33 -1.32
CA ASN A 74 11.45 -9.64 -2.26
C ASN A 74 12.63 -10.28 -1.53
N MET A 75 12.39 -10.70 -0.30
CA MET A 75 13.46 -11.36 0.46
C MET A 75 13.97 -12.63 -0.26
N LEU A 76 13.09 -13.60 -0.51
CA LEU A 76 13.53 -14.87 -1.08
C LEU A 76 14.18 -14.74 -2.47
N ARG A 77 13.49 -14.13 -3.42
CA ARG A 77 14.02 -14.11 -4.77
C ARG A 77 15.25 -13.21 -4.87
N GLY A 78 15.50 -12.43 -3.83
CA GLY A 78 16.62 -11.51 -3.82
C GLY A 78 17.87 -12.13 -3.20
N VAL A 79 17.66 -13.08 -2.28
CA VAL A 79 18.77 -13.85 -1.73
C VAL A 79 19.33 -14.75 -2.83
N MET A 80 18.42 -15.30 -3.64
CA MET A 80 18.72 -16.17 -4.77
C MET A 80 19.31 -15.42 -5.99
N SER A 81 19.00 -14.13 -6.11
CA SER A 81 19.65 -13.29 -7.10
C SER A 81 21.12 -13.15 -6.76
N GLY A 82 21.39 -13.14 -5.45
CA GLY A 82 22.68 -12.73 -4.93
C GLY A 82 22.65 -11.26 -4.50
N GLN A 83 21.53 -10.59 -4.66
CA GLN A 83 21.39 -9.22 -4.19
C GLN A 83 21.72 -9.07 -2.70
N ALA A 84 21.65 -10.17 -1.98
CA ALA A 84 22.10 -10.24 -0.60
C ALA A 84 22.54 -11.68 -0.39
N ASP A 85 23.62 -11.88 0.35
CA ASP A 85 24.12 -13.23 0.57
C ASP A 85 23.20 -14.05 1.52
N ILE A 86 22.67 -13.39 2.55
CA ILE A 86 21.86 -14.05 3.56
C ILE A 86 20.61 -13.23 3.80
N GLY A 87 19.50 -13.91 4.01
CA GLY A 87 18.24 -13.29 4.40
C GLY A 87 17.40 -14.15 5.36
N CYS A 88 16.27 -13.59 5.76
CA CYS A 88 15.42 -14.15 6.79
C CYS A 88 14.02 -14.05 6.24
N ILE A 89 13.39 -15.20 6.03
CA ILE A 89 12.02 -15.25 5.50
C ILE A 89 11.09 -15.78 6.54
N SER A 90 9.89 -15.25 6.56
CA SER A 90 8.78 -15.86 7.28
C SER A 90 8.05 -16.81 6.32
N LEU A 91 8.05 -18.11 6.61
CA LEU A 91 7.45 -19.08 5.70
C LEU A 91 6.03 -18.68 5.32
N ALA A 92 5.28 -18.14 6.28
CA ALA A 92 3.84 -17.84 6.07
C ALA A 92 3.60 -16.72 5.05
N TYR A 93 4.62 -15.92 4.72
CA TYR A 93 4.44 -14.90 3.71
C TYR A 93 4.50 -15.50 2.31
N HIS A 94 4.83 -16.79 2.20
CA HIS A 94 4.96 -17.44 0.87
C HIS A 94 4.03 -18.65 0.63
N PRO A 95 2.72 -18.42 0.47
CA PRO A 95 1.78 -19.55 0.37
C PRO A 95 2.03 -20.49 -0.81
N GLY A 96 2.00 -21.79 -0.55
CA GLY A 96 2.15 -22.80 -1.59
C GLY A 96 3.59 -23.24 -1.73
N VAL A 97 4.50 -22.35 -1.38
CA VAL A 97 5.91 -22.56 -1.69
C VAL A 97 6.54 -23.57 -0.77
N PHE A 98 6.03 -23.71 0.46
CA PHE A 98 6.66 -24.62 1.43
C PHE A 98 5.71 -25.69 1.94
N PRO A 99 5.29 -26.60 1.05
CA PRO A 99 4.28 -27.61 1.40
C PRO A 99 4.63 -28.43 2.61
N VAL A 100 5.89 -28.72 2.84
CA VAL A 100 6.26 -29.50 4.01
C VAL A 100 6.39 -28.62 5.28
N MET A 101 7.33 -27.69 5.28
CA MET A 101 7.61 -26.93 6.49
C MET A 101 6.40 -26.08 6.93
N SER A 102 5.37 -25.93 6.08
CA SER A 102 4.19 -25.20 6.50
C SER A 102 3.32 -25.98 7.52
N VAL A 103 3.71 -27.23 7.80
CA VAL A 103 3.07 -27.97 8.88
C VAL A 103 3.31 -27.17 10.11
N PHE A 104 4.39 -26.41 10.13
CA PHE A 104 4.72 -25.66 11.33
C PHE A 104 3.89 -24.40 11.49
N GLU A 105 2.93 -24.18 10.59
CA GLU A 105 1.97 -23.10 10.69
C GLU A 105 0.64 -23.63 11.24
N LEU A 106 0.53 -24.93 11.42
CA LEU A 106 -0.63 -25.47 12.11
C LEU A 106 -0.44 -25.43 13.65
N PRO A 107 -1.55 -25.41 14.40
CA PRO A 107 -1.45 -25.49 15.86
C PRO A 107 -0.88 -26.83 16.34
N LEU A 108 0.42 -26.91 16.60
CA LEU A 108 1.04 -28.20 16.93
C LEU A 108 1.18 -28.36 18.42
N GLY A 109 0.48 -27.47 19.14
CA GLY A 109 0.39 -27.58 20.58
C GLY A 109 1.62 -27.09 21.30
N PHE A 110 2.50 -26.36 20.62
CA PHE A 110 3.65 -25.77 21.31
C PHE A 110 3.25 -24.59 22.21
N THR A 111 3.99 -24.43 23.31
CA THR A 111 3.72 -23.36 24.27
C THR A 111 4.92 -22.47 24.54
N SER A 112 6.02 -22.72 23.84
CA SER A 112 7.20 -21.87 23.92
C SER A 112 7.89 -21.76 22.55
N ALA A 113 8.46 -20.61 22.26
CA ALA A 113 9.21 -20.47 21.04
C ALA A 113 10.52 -21.28 21.11
N GLU A 114 11.11 -21.40 22.30
CA GLU A 114 12.26 -22.25 22.48
C GLU A 114 12.02 -23.68 21.94
N ALA A 115 11.02 -24.36 22.49
CA ALA A 115 10.72 -25.71 22.08
C ALA A 115 10.41 -25.78 20.60
N ALA A 116 9.61 -24.83 20.12
CA ALA A 116 9.13 -24.93 18.75
C ALA A 116 10.24 -24.66 17.75
N SER A 117 11.15 -23.77 18.13
CA SER A 117 12.23 -23.35 17.28
C SER A 117 13.16 -24.54 17.14
N SER A 118 13.44 -25.21 18.25
CA SER A 118 14.30 -26.40 18.22
C SER A 118 13.73 -27.56 17.40
N VAL A 119 12.45 -27.84 17.56
CA VAL A 119 11.82 -28.95 16.86
C VAL A 119 11.76 -28.60 15.38
N LEU A 120 11.41 -27.36 15.05
CA LEU A 120 11.45 -26.96 13.66
C LEU A 120 12.82 -27.19 13.03
N TRP A 121 13.90 -26.74 13.63
CA TRP A 121 15.18 -26.96 13.02
C TRP A 121 15.51 -28.48 12.82
N GLU A 122 15.36 -29.31 13.87
CA GLU A 122 15.57 -30.72 13.70
C GLU A 122 14.72 -31.30 12.55
N LEU A 123 13.46 -30.89 12.41
CA LEU A 123 12.60 -31.49 11.43
C LEU A 123 13.12 -31.14 10.07
N TYR A 124 13.69 -29.96 9.96
CA TYR A 124 14.26 -29.54 8.69
C TYR A 124 15.60 -30.22 8.44
N SER A 125 16.43 -30.36 9.46
CA SER A 125 17.77 -30.93 9.25
C SER A 125 17.66 -32.34 8.74
N GLY A 126 16.69 -33.06 9.30
CA GLY A 126 16.57 -34.49 9.12
C GLY A 126 15.76 -34.92 7.91
N LEU A 127 15.23 -33.96 7.15
CA LEU A 127 14.41 -34.25 5.97
C LEU A 127 14.83 -33.49 4.68
N ARG A 128 15.31 -32.25 4.81
CA ARG A 128 15.72 -31.45 3.67
C ARG A 128 14.75 -31.47 2.49
N PRO A 129 13.47 -31.15 2.76
CA PRO A 129 12.51 -31.04 1.65
C PRO A 129 13.03 -30.17 0.47
N ALA A 130 12.74 -30.59 -0.76
CA ALA A 130 13.22 -29.88 -1.93
C ALA A 130 12.64 -28.47 -2.15
N GLU A 131 11.52 -28.14 -1.48
CA GLU A 131 10.98 -26.78 -1.52
C GLU A 131 12.08 -25.76 -1.14
N LEU A 132 13.09 -26.21 -0.38
CA LEU A 132 14.15 -25.32 0.11
C LEU A 132 15.56 -25.67 -0.41
N GLU A 133 15.65 -26.50 -1.45
CA GLU A 133 16.93 -26.98 -2.01
C GLU A 133 17.72 -25.92 -2.81
N ARG A 134 17.00 -24.99 -3.44
CA ARG A 134 17.62 -23.91 -4.24
C ARG A 134 18.36 -22.83 -3.41
N VAL A 135 18.21 -22.83 -2.09
CA VAL A 135 19.03 -22.02 -1.21
C VAL A 135 19.71 -22.90 -0.17
N LYS A 136 20.59 -22.27 0.57
CA LYS A 136 21.22 -22.88 1.71
C LYS A 136 20.54 -22.40 3.00
N VAL A 137 20.06 -23.32 3.83
CA VAL A 137 19.44 -22.90 5.08
C VAL A 137 20.46 -23.01 6.23
N LEU A 138 20.67 -21.88 6.90
CA LEU A 138 21.65 -21.74 7.94
C LEU A 138 21.09 -22.07 9.32
N THR A 139 19.83 -21.81 9.52
CA THR A 139 19.17 -22.09 10.80
C THR A 139 17.72 -21.76 10.65
N MET A 140 16.91 -22.20 11.62
CA MET A 140 15.48 -21.91 11.59
C MET A 140 15.00 -21.64 13.01
N PHE A 141 13.91 -20.89 13.10
CA PHE A 141 13.28 -20.55 14.37
C PHE A 141 11.81 -20.13 14.17
N THR A 142 11.09 -20.00 15.26
CA THR A 142 9.70 -19.54 15.17
C THR A 142 9.43 -18.36 16.07
N SER A 143 8.25 -17.77 15.85
CA SER A 143 7.66 -16.86 16.83
C SER A 143 7.15 -17.65 18.05
N ALA A 144 6.76 -16.92 19.10
CA ALA A 144 6.00 -17.53 20.19
C ALA A 144 4.56 -17.87 19.74
N PRO A 145 3.79 -18.52 20.63
CA PRO A 145 2.40 -18.84 20.23
C PRO A 145 1.56 -17.56 19.97
N SER A 146 0.64 -17.63 19.01
CA SER A 146 -0.12 -16.47 18.60
C SER A 146 -1.29 -16.24 19.52
N HIS A 147 -1.63 -14.95 19.68
CA HIS A 147 -2.75 -14.48 20.50
C HIS A 147 -3.40 -13.34 19.71
N PHE A 148 -4.56 -12.88 20.16
CA PHE A 148 -5.24 -11.76 19.51
C PHE A 148 -4.86 -10.45 20.15
N MET A 149 -4.52 -9.47 19.31
CA MET A 149 -4.26 -8.10 19.74
C MET A 149 -5.26 -7.26 19.00
N THR A 150 -6.23 -6.71 19.71
CA THR A 150 -7.33 -6.02 19.03
C THR A 150 -7.60 -4.65 19.60
N VAL A 151 -8.28 -3.80 18.83
CA VAL A 151 -8.64 -2.45 19.29
C VAL A 151 -9.87 -2.43 20.19
N THR A 152 -10.78 -3.38 20.00
CA THR A 152 -11.88 -3.57 20.94
C THR A 152 -11.72 -4.92 21.65
N PRO A 153 -12.33 -5.07 22.83
CA PRO A 153 -12.15 -6.30 23.60
C PRO A 153 -12.80 -7.53 22.92
N VAL A 154 -12.11 -8.66 22.99
CA VAL A 154 -12.66 -9.93 22.52
C VAL A 154 -12.75 -10.93 23.70
N ARG A 155 -13.95 -11.10 24.22
CA ARG A 155 -14.17 -11.92 25.41
C ARG A 155 -14.80 -13.28 25.06
N SER A 156 -15.23 -13.39 23.80
CA SER A 156 -15.80 -14.64 23.28
C SER A 156 -15.56 -14.81 21.78
N LEU A 157 -15.86 -16.02 21.29
CA LEU A 157 -15.77 -16.33 19.89
C LEU A 157 -16.71 -15.43 19.12
N ARG A 158 -17.84 -15.15 19.72
CA ARG A 158 -18.87 -14.31 19.10
C ARG A 158 -18.31 -12.94 18.69
N ASP A 159 -17.49 -12.35 19.54
CA ASP A 159 -16.86 -11.05 19.24
C ASP A 159 -15.93 -11.08 18.02
N LEU A 160 -15.26 -12.21 17.80
CA LEU A 160 -14.41 -12.41 16.63
C LEU A 160 -15.17 -12.32 15.32
N GLN A 161 -16.46 -12.66 15.35
CA GLN A 161 -17.22 -12.77 14.11
C GLN A 161 -17.17 -11.50 13.24
N GLY A 162 -16.65 -11.66 12.02
CA GLY A 162 -16.65 -10.58 11.04
C GLY A 162 -15.59 -9.51 11.25
N MET A 163 -14.79 -9.69 12.28
CA MET A 163 -13.78 -8.71 12.67
C MET A 163 -12.56 -8.95 11.80
N GLU A 164 -12.15 -7.96 11.03
CA GLU A 164 -10.95 -8.08 10.20
C GLU A 164 -9.70 -8.19 11.07
N ILE A 165 -8.97 -9.30 10.93
CA ILE A 165 -7.76 -9.53 11.71
C ILE A 165 -6.66 -9.97 10.76
N ARG A 166 -5.51 -9.32 10.90
CA ARG A 166 -4.26 -9.66 10.22
C ARG A 166 -3.68 -11.02 10.65
N GLY A 167 -3.47 -11.89 9.67
CA GLY A 167 -2.60 -13.03 9.84
C GLY A 167 -1.75 -13.18 8.58
N ALA A 168 -1.18 -14.36 8.39
CA ALA A 168 -0.48 -14.70 7.17
C ALA A 168 -0.44 -16.23 7.04
N GLY A 169 -0.49 -16.65 5.78
CA GLY A 169 -0.52 -18.05 5.42
C GLY A 169 -1.59 -18.77 6.20
N THR A 170 -1.19 -19.83 6.88
CA THR A 170 -2.13 -20.71 7.54
C THR A 170 -2.74 -20.12 8.82
N LEU A 171 -2.10 -19.12 9.40
CA LEU A 171 -2.66 -18.39 10.54
C LEU A 171 -3.85 -17.52 10.09
N SER A 172 -3.86 -17.10 8.82
CA SER A 172 -5.03 -16.54 8.19
C SER A 172 -6.12 -17.57 7.95
N ALA A 173 -5.74 -18.77 7.53
CA ALA A 173 -6.74 -19.80 7.28
C ALA A 173 -7.35 -20.26 8.63
N ILE A 174 -6.56 -20.19 9.69
CA ILE A 174 -7.06 -20.41 11.05
C ILE A 174 -8.07 -19.30 11.45
N LEU A 175 -7.76 -18.03 11.16
CA LEU A 175 -8.64 -16.92 11.57
C LEU A 175 -9.99 -17.15 10.92
N GLU A 176 -9.89 -17.62 9.70
CA GLU A 176 -11.02 -17.83 8.83
C GLU A 176 -11.92 -18.95 9.41
N LYS A 177 -11.34 -20.10 9.80
CA LYS A 177 -12.10 -21.17 10.45
C LYS A 177 -12.80 -20.74 11.75
N LEU A 178 -12.22 -19.77 12.45
CA LEU A 178 -12.80 -19.25 13.67
C LEU A 178 -13.91 -18.21 13.44
N GLY A 179 -14.11 -17.77 12.21
CA GLY A 179 -15.17 -16.82 11.92
C GLY A 179 -14.76 -15.37 11.72
N ALA A 180 -13.48 -15.07 11.95
CA ALA A 180 -13.02 -13.72 11.72
C ALA A 180 -12.78 -13.56 10.23
N THR A 181 -12.52 -12.33 9.81
CA THR A 181 -12.22 -12.03 8.41
C THR A 181 -10.72 -11.78 8.29
N PRO A 182 -9.99 -12.77 7.77
CA PRO A 182 -8.52 -12.65 7.71
C PRO A 182 -8.03 -11.71 6.59
N VAL A 183 -7.02 -10.93 6.92
CA VAL A 183 -6.36 -10.05 5.97
C VAL A 183 -4.87 -10.38 6.04
N SER A 184 -4.32 -11.01 5.00
CA SER A 184 -2.91 -11.43 4.97
C SER A 184 -1.98 -10.31 4.56
N MET A 185 -0.96 -10.07 5.38
CA MET A 185 0.07 -9.07 5.07
C MET A 185 1.33 -9.28 5.95
N PRO A 186 2.49 -8.80 5.48
CA PRO A 186 3.70 -8.92 6.31
C PRO A 186 3.71 -7.94 7.49
N MET A 187 4.53 -8.18 8.49
CA MET A 187 4.51 -7.39 9.72
C MET A 187 4.73 -5.87 9.49
N PRO A 188 5.58 -5.51 8.51
CA PRO A 188 5.88 -4.09 8.40
C PRO A 188 4.69 -3.26 7.91
N GLU A 189 3.78 -3.88 7.18
CA GLU A 189 2.61 -3.18 6.70
C GLU A 189 1.50 -3.09 7.75
N VAL A 190 1.71 -3.73 8.90
CA VAL A 190 0.60 -3.90 9.84
C VAL A 190 0.24 -2.63 10.62
N PRO A 191 1.24 -1.87 11.13
CA PRO A 191 0.92 -0.65 11.89
C PRO A 191 0.00 0.29 11.12
N GLU A 192 0.25 0.39 9.83
CA GLU A 192 -0.48 1.30 8.94
C GLU A 192 -1.86 0.73 8.59
N ALA A 193 -2.01 -0.57 8.54
CA ALA A 193 -3.32 -1.13 8.30
C ALA A 193 -4.19 -0.89 9.53
N VAL A 194 -3.62 -0.99 10.73
CA VAL A 194 -4.39 -0.77 11.94
C VAL A 194 -4.82 0.70 12.02
N GLN A 195 -3.85 1.60 11.96
CA GLN A 195 -4.12 3.02 12.06
C GLN A 195 -5.21 3.49 11.06
N LYS A 196 -5.14 3.02 9.82
CA LYS A 196 -6.10 3.44 8.80
C LYS A 196 -7.39 2.59 8.85
N GLY A 197 -7.49 1.71 9.84
CA GLY A 197 -8.74 1.02 10.12
C GLY A 197 -9.11 -0.08 9.15
N ILE A 198 -8.12 -0.51 8.38
CA ILE A 198 -8.28 -1.63 7.44
C ILE A 198 -8.39 -2.95 8.15
N ILE A 199 -7.73 -3.07 9.30
CA ILE A 199 -7.88 -4.21 10.21
C ILE A 199 -8.19 -3.68 11.60
N LYS A 200 -8.78 -4.53 12.44
CA LYS A 200 -9.19 -4.18 13.80
C LYS A 200 -8.29 -4.84 14.82
N GLY A 201 -7.33 -5.60 14.32
CA GLY A 201 -6.40 -6.32 15.17
C GLY A 201 -5.53 -7.29 14.40
N LEU A 202 -4.67 -7.98 15.13
CA LEU A 202 -3.66 -8.83 14.55
C LEU A 202 -3.46 -10.11 15.38
N PHE A 203 -3.07 -11.15 14.66
CA PHE A 203 -3.00 -12.49 15.20
C PHE A 203 -1.58 -13.02 15.07
N THR A 204 -0.82 -12.92 16.15
CA THR A 204 0.59 -13.27 16.22
C THR A 204 1.06 -13.18 17.69
N SER A 205 2.37 -13.19 17.91
CA SER A 205 2.96 -13.24 19.25
C SER A 205 3.19 -11.85 19.83
N LEU A 206 3.26 -11.75 21.16
CA LEU A 206 3.05 -10.50 21.88
C LEU A 206 4.27 -9.61 22.04
N ASP A 207 5.42 -10.07 21.53
CA ASP A 207 6.64 -9.26 21.47
C ASP A 207 6.42 -7.93 20.74
N VAL A 208 5.59 -7.94 19.71
CA VAL A 208 5.27 -6.74 18.95
C VAL A 208 4.51 -5.62 19.72
N MET A 209 3.91 -5.96 20.85
CA MET A 209 3.22 -4.97 21.66
C MET A 209 4.26 -3.90 22.04
N LYS A 210 5.49 -4.33 22.31
CA LYS A 210 6.57 -3.40 22.55
C LYS A 210 7.43 -3.02 21.32
N ASP A 211 7.97 -4.04 20.64
CA ASP A 211 8.94 -3.83 19.57
C ASP A 211 8.33 -3.16 18.35
N MET A 212 7.02 -3.11 18.28
CA MET A 212 6.38 -2.32 17.26
C MET A 212 5.34 -1.37 17.82
N ASN A 213 5.27 -1.30 19.14
CA ASN A 213 4.47 -0.33 19.82
C ASN A 213 3.02 -0.50 19.43
N PHE A 214 2.59 -1.76 19.30
CA PHE A 214 1.18 -2.06 19.13
C PHE A 214 0.44 -1.78 20.41
N ALA A 215 1.15 -1.58 21.52
CA ALA A 215 0.48 -1.26 22.78
C ALA A 215 -0.21 0.13 22.72
N GLU A 216 0.23 0.99 21.77
CA GLU A 216 -0.41 2.27 21.54
C GLU A 216 -1.51 2.17 20.48
N MET A 217 -1.75 1.01 19.87
CA MET A 217 -2.80 0.91 18.83
C MET A 217 -3.86 -0.15 19.13
N THR A 218 -3.45 -1.18 19.84
CA THR A 218 -4.35 -2.25 20.20
C THR A 218 -4.23 -2.41 21.72
N GLY A 219 -5.23 -1.84 22.40
CA GLY A 219 -5.29 -1.80 23.85
C GLY A 219 -5.85 -3.07 24.48
N HIS A 220 -6.21 -4.04 23.66
CA HIS A 220 -6.74 -5.27 24.19
C HIS A 220 -6.00 -6.52 23.69
N VAL A 221 -5.79 -7.47 24.59
CA VAL A 221 -5.12 -8.71 24.25
C VAL A 221 -5.91 -9.92 24.74
N THR A 222 -6.28 -10.81 23.83
CA THR A 222 -6.96 -12.05 24.22
C THR A 222 -6.14 -13.30 23.94
N ARG A 223 -6.07 -14.17 24.95
CA ARG A 223 -5.33 -15.42 24.87
C ARG A 223 -5.97 -16.39 23.89
N ALA A 224 -5.18 -16.81 22.92
CA ALA A 224 -5.58 -17.82 21.95
C ALA A 224 -4.75 -19.11 22.06
N ASP A 225 -3.52 -19.05 22.59
CA ASP A 225 -2.57 -20.19 22.59
C ASP A 225 -2.47 -20.91 21.22
N GLN A 226 -2.29 -20.13 20.17
CA GLN A 226 -2.36 -20.64 18.81
C GLN A 226 -1.02 -20.99 18.17
N ALA A 227 -1.09 -21.38 16.90
CA ALA A 227 0.06 -21.72 16.05
C ALA A 227 1.18 -20.68 16.03
N VAL A 228 2.39 -21.13 15.78
CA VAL A 228 3.55 -20.23 15.64
C VAL A 228 3.77 -19.84 14.15
N TYR A 229 4.52 -18.77 13.91
CA TYR A 229 4.98 -18.37 12.57
C TYR A 229 6.43 -18.83 12.38
N PRO A 230 6.68 -19.68 11.40
CA PRO A 230 8.06 -20.20 11.27
C PRO A 230 8.96 -19.39 10.31
N PHE A 231 10.24 -19.25 10.69
CA PHE A 231 11.19 -18.51 9.89
C PHE A 231 12.32 -19.40 9.44
N ALA A 232 12.89 -19.07 8.31
CA ALA A 232 14.13 -19.71 7.90
C ALA A 232 15.18 -18.64 7.57
N VAL A 233 16.40 -18.85 8.06
CA VAL A 233 17.50 -18.02 7.62
C VAL A 233 18.17 -18.73 6.46
N ILE A 234 18.10 -18.11 5.29
CA ILE A 234 18.59 -18.68 4.02
C ILE A 234 19.83 -17.96 3.54
N MET A 235 20.59 -18.62 2.67
CA MET A 235 21.76 -18.04 2.03
C MET A 235 21.81 -18.43 0.55
N ASN A 236 22.22 -17.49 -0.29
CA ASN A 236 22.53 -17.76 -1.69
C ASN A 236 23.46 -18.96 -1.86
N ARG A 237 23.04 -19.97 -2.63
CA ARG A 237 23.85 -21.17 -2.79
C ARG A 237 25.26 -20.92 -3.28
N GLU A 238 25.42 -20.09 -4.29
CA GLU A 238 26.73 -19.87 -4.87
C GLU A 238 27.60 -19.15 -3.82
N ALA A 239 26.99 -18.25 -3.05
CA ALA A 239 27.72 -17.59 -1.98
C ALA A 239 28.24 -18.63 -0.96
N TRP A 240 27.40 -19.61 -0.64
CA TRP A 240 27.71 -20.63 0.34
C TRP A 240 28.81 -21.53 -0.18
N GLU A 241 28.81 -21.82 -1.47
CA GLU A 241 29.79 -22.74 -1.97
C GLU A 241 31.19 -22.09 -2.09
N ARG A 242 31.26 -20.77 -2.00
CA ARG A 242 32.52 -20.04 -2.07
C ARG A 242 33.16 -19.97 -0.71
N LEU A 243 32.49 -20.55 0.29
CA LEU A 243 33.06 -20.65 1.64
C LEU A 243 33.86 -21.94 1.72
N SER A 244 35.01 -21.91 2.39
CA SER A 244 35.80 -23.13 2.58
C SER A 244 35.00 -24.10 3.43
N PRO A 245 35.40 -25.38 3.45
CA PRO A 245 34.80 -26.40 4.32
C PRO A 245 34.86 -26.07 5.82
N ASP A 246 35.94 -25.45 6.29
CA ASP A 246 36.11 -25.15 7.72
C ASP A 246 35.10 -24.08 8.18
N VAL A 247 34.90 -23.06 7.35
CA VAL A 247 34.00 -21.97 7.67
C VAL A 247 32.58 -22.48 7.60
N GLN A 248 32.37 -23.44 6.71
CA GLN A 248 31.06 -24.08 6.57
C GLN A 248 30.65 -24.89 7.82
N GLN A 249 31.60 -25.63 8.39
CA GLN A 249 31.36 -26.41 9.59
C GLN A 249 31.04 -25.49 10.76
N VAL A 250 31.58 -24.28 10.74
CA VAL A 250 31.29 -23.31 11.81
C VAL A 250 29.82 -22.87 11.73
N LEU A 251 29.34 -22.54 10.54
CA LEU A 251 27.95 -22.13 10.39
C LEU A 251 26.97 -23.29 10.64
N ASP A 252 27.25 -24.48 10.11
CA ASP A 252 26.42 -25.67 10.44
C ASP A 252 26.48 -25.99 11.94
N GLY A 253 27.62 -25.73 12.58
CA GLY A 253 27.79 -25.99 14.00
C GLY A 253 27.09 -25.00 14.91
N LEU A 254 26.60 -23.91 14.31
CA LEU A 254 25.95 -22.85 15.04
C LEU A 254 24.42 -22.97 14.95
N ALA A 255 23.94 -23.72 13.96
CA ALA A 255 22.53 -23.73 13.61
C ALA A 255 21.57 -24.10 14.73
N ALA A 256 21.80 -25.26 15.38
CA ALA A 256 20.90 -25.79 16.41
C ALA A 256 20.89 -24.98 17.69
N GLU A 257 22.06 -24.59 18.15
CA GLU A 257 22.18 -23.64 19.27
C GLU A 257 21.45 -22.34 19.02
N HIS A 258 21.59 -21.82 17.80
CA HIS A 258 21.04 -20.55 17.52
C HIS A 258 19.53 -20.58 17.43
N ALA A 259 18.99 -21.68 16.89
CA ALA A 259 17.54 -21.90 16.88
C ALA A 259 16.97 -21.81 18.31
N ALA A 260 17.64 -22.52 19.23
CA ALA A 260 17.21 -22.58 20.61
C ALA A 260 17.33 -21.26 21.26
N TRP A 261 18.49 -20.61 21.08
CA TRP A 261 18.76 -19.25 21.59
C TRP A 261 17.69 -18.24 21.16
N THR A 262 17.27 -18.30 19.90
CA THR A 262 16.32 -17.36 19.34
C THR A 262 14.97 -17.59 19.99
N GLY A 263 14.59 -18.86 20.12
CA GLY A 263 13.38 -19.23 20.84
C GLY A 263 13.37 -18.85 22.31
N ARG A 264 14.50 -19.06 22.99
CA ARG A 264 14.66 -18.69 24.40
C ARG A 264 14.60 -17.15 24.65
N TYR A 265 15.23 -16.37 23.81
CA TYR A 265 15.23 -14.91 23.95
C TYR A 265 13.79 -14.41 23.80
N LEU A 266 13.08 -14.94 22.84
CA LEU A 266 11.75 -14.46 22.59
C LEU A 266 10.76 -14.80 23.71
N ASP A 267 10.85 -15.98 24.31
CA ASP A 267 9.97 -16.32 25.43
C ASP A 267 10.16 -15.34 26.59
N ALA A 268 11.41 -15.00 26.90
CA ALA A 268 11.70 -13.99 27.93
C ALA A 268 11.18 -12.61 27.51
N HIS A 269 11.44 -12.23 26.26
CA HIS A 269 11.08 -10.92 25.74
C HIS A 269 9.57 -10.72 25.65
N VAL A 270 8.85 -11.79 25.32
CA VAL A 270 7.40 -11.71 25.39
C VAL A 270 6.90 -11.28 26.78
N GLN A 271 7.45 -11.83 27.85
CA GLN A 271 7.07 -11.38 29.19
C GLN A 271 7.28 -9.89 29.42
N ASP A 272 8.52 -9.40 29.20
CA ASP A 272 8.86 -7.97 29.33
C ASP A 272 7.93 -7.10 28.51
N SER A 273 7.76 -7.51 27.26
CA SER A 273 6.89 -6.81 26.34
C SER A 273 5.50 -6.59 26.92
N MET A 274 4.88 -7.66 27.43
CA MET A 274 3.54 -7.57 27.99
C MET A 274 3.49 -6.89 29.35
N ARG A 275 4.57 -6.99 30.13
CA ARG A 275 4.72 -6.21 31.38
C ARG A 275 4.71 -4.70 31.12
N TRP A 276 5.37 -4.30 30.05
CA TRP A 276 5.47 -2.90 29.67
C TRP A 276 4.14 -2.36 29.16
N ALA A 277 3.42 -3.23 28.46
CA ALA A 277 2.22 -2.80 27.76
C ALA A 277 1.13 -2.57 28.78
N GLU A 278 1.06 -3.45 29.78
CA GLU A 278 0.07 -3.32 30.84
C GLU A 278 0.37 -2.10 31.76
N GLU A 279 1.57 -1.99 32.30
CA GLU A 279 1.77 -0.92 33.28
C GLU A 279 2.17 0.45 32.68
N LYS A 280 2.42 0.51 31.38
CA LYS A 280 2.69 1.80 30.76
C LYS A 280 1.70 2.21 29.73
N HIS A 281 0.80 1.32 29.34
CA HIS A 281 -0.22 1.68 28.35
C HIS A 281 -1.58 1.12 28.65
N GLY A 282 -1.76 0.63 29.87
CA GLY A 282 -3.04 0.10 30.33
C GLY A 282 -3.67 -0.87 29.37
N VAL A 283 -2.91 -1.83 28.85
CA VAL A 283 -3.49 -2.86 28.03
C VAL A 283 -4.37 -3.74 28.92
N GLN A 284 -5.50 -4.17 28.35
CA GLN A 284 -6.43 -5.05 28.99
C GLN A 284 -6.29 -6.45 28.39
N VAL A 285 -6.19 -7.46 29.25
CA VAL A 285 -6.03 -8.83 28.80
C VAL A 285 -7.30 -9.64 29.12
N HIS A 286 -7.73 -10.46 28.17
CA HIS A 286 -8.92 -11.27 28.34
C HIS A 286 -8.66 -12.72 28.01
N THR A 287 -9.53 -13.58 28.50
CA THR A 287 -9.51 -14.97 28.11
C THR A 287 -10.88 -15.39 27.59
N LEU A 288 -10.88 -16.38 26.70
CA LEU A 288 -12.09 -17.00 26.21
C LEU A 288 -12.56 -18.07 27.17
N PRO A 289 -13.87 -18.38 27.17
CA PRO A 289 -14.44 -19.50 27.93
C PRO A 289 -13.89 -20.83 27.44
N GLU A 290 -13.93 -21.87 28.27
CA GLU A 290 -13.39 -23.16 27.88
C GLU A 290 -14.17 -23.82 26.74
N GLU A 291 -15.45 -23.48 26.60
CA GLU A 291 -16.29 -24.08 25.57
C GLU A 291 -16.09 -23.43 24.20
N ASP A 292 -15.64 -22.18 24.21
CA ASP A 292 -15.22 -21.46 23.02
C ASP A 292 -13.87 -22.00 22.58
N ILE A 293 -12.96 -22.22 23.51
CA ILE A 293 -11.70 -22.84 23.17
C ILE A 293 -11.84 -24.26 22.61
N ALA A 294 -12.68 -25.07 23.25
CA ALA A 294 -12.95 -26.42 22.78
C ALA A 294 -13.37 -26.37 21.33
N ALA A 295 -14.29 -25.47 21.05
CA ALA A 295 -14.95 -25.39 19.75
C ALA A 295 -14.06 -24.78 18.69
N MET A 296 -13.08 -23.99 19.10
CA MET A 296 -12.25 -23.38 18.11
C MET A 296 -11.28 -24.46 17.63
N ARG A 297 -10.83 -25.30 18.54
CA ARG A 297 -9.93 -26.39 18.18
C ARG A 297 -10.62 -27.42 17.33
N ARG A 298 -11.87 -27.69 17.60
CA ARG A 298 -12.60 -28.52 16.66
C ARG A 298 -12.75 -27.84 15.29
N SER A 299 -12.81 -26.50 15.25
CA SER A 299 -13.01 -25.77 14.00
C SER A 299 -11.79 -25.82 13.08
N VAL A 300 -10.60 -25.83 13.66
CA VAL A 300 -9.37 -25.86 12.88
C VAL A 300 -8.83 -27.27 12.48
N GLN A 301 -9.33 -28.33 13.08
CA GLN A 301 -8.92 -29.68 12.69
C GLN A 301 -8.88 -29.96 11.16
N PRO A 302 -9.87 -29.51 10.38
CA PRO A 302 -9.76 -29.78 8.93
C PRO A 302 -8.48 -29.25 8.20
N LEU A 303 -7.85 -28.21 8.74
CA LEU A 303 -6.62 -27.66 8.13
C LEU A 303 -5.48 -28.70 8.10
N PHE A 304 -5.45 -29.62 9.09
CA PHE A 304 -4.41 -30.66 9.11
C PHE A 304 -4.49 -31.56 7.91
N ASP A 305 -5.70 -31.86 7.45
CA ASP A 305 -5.86 -32.71 6.28
C ASP A 305 -5.57 -31.96 5.00
N ALA A 306 -6.03 -30.72 4.91
CA ALA A 306 -5.78 -29.94 3.72
C ALA A 306 -4.28 -29.69 3.54
N TRP A 307 -3.58 -29.49 4.66
CA TRP A 307 -2.13 -29.43 4.65
C TRP A 307 -1.49 -30.76 4.20
N ALA A 308 -2.08 -31.86 4.65
CA ALA A 308 -1.58 -33.19 4.31
C ALA A 308 -1.79 -33.48 2.83
N GLN A 309 -2.86 -32.93 2.30
CA GLN A 309 -3.25 -33.15 0.91
C GLN A 309 -2.41 -32.34 -0.09
N ARG A 310 -2.06 -31.11 0.28
CA ARG A 310 -1.25 -30.29 -0.61
C ARG A 310 0.17 -30.83 -0.59
N ALA A 311 0.62 -31.34 0.55
CA ALA A 311 1.96 -31.91 0.61
C ALA A 311 2.05 -33.12 -0.30
N ALA A 312 1.02 -33.98 -0.26
CA ALA A 312 1.01 -35.23 -1.06
C ALA A 312 1.02 -34.98 -2.58
N ASP A 313 0.15 -34.05 -2.99
CA ASP A 313 0.08 -33.56 -4.35
C ASP A 313 1.43 -33.00 -4.87
N LYS A 314 2.33 -32.69 -3.94
CA LYS A 314 3.65 -32.16 -4.26
C LYS A 314 4.74 -33.23 -4.13
N GLY A 315 4.33 -34.47 -3.89
CA GLY A 315 5.26 -35.58 -3.82
C GLY A 315 5.89 -35.77 -2.45
N ALA A 316 5.35 -35.11 -1.42
CA ALA A 316 5.86 -35.33 -0.04
C ALA A 316 5.11 -36.44 0.70
N ASP A 317 5.71 -36.94 1.79
CA ASP A 317 5.05 -37.94 2.63
C ASP A 317 4.57 -37.29 3.92
N PRO A 318 3.32 -36.78 3.93
CA PRO A 318 2.87 -36.07 5.14
C PRO A 318 2.81 -37.00 6.36
N ASP A 319 2.49 -38.26 6.12
CA ASP A 319 2.42 -39.25 7.20
C ASP A 319 3.76 -39.34 7.87
N ALA A 320 4.79 -39.37 7.05
CA ALA A 320 6.14 -39.37 7.59
C ALA A 320 6.46 -38.08 8.36
N VAL A 321 6.04 -36.93 7.83
CA VAL A 321 6.37 -35.64 8.44
C VAL A 321 5.73 -35.56 9.83
N MET A 322 4.48 -36.01 9.92
CA MET A 322 3.72 -35.98 11.19
C MET A 322 4.29 -36.97 12.23
N ARG A 323 4.69 -38.13 11.75
CA ARG A 323 5.40 -39.11 12.56
C ARG A 323 6.69 -38.52 13.16
N THR A 324 7.42 -37.78 12.32
CA THR A 324 8.65 -37.09 12.77
C THR A 324 8.35 -35.89 13.69
N VAL A 325 7.30 -35.10 13.41
CA VAL A 325 6.83 -34.10 14.37
C VAL A 325 6.52 -34.70 15.77
N ASP A 326 5.65 -35.70 15.82
CA ASP A 326 5.36 -36.44 17.07
C ASP A 326 6.59 -36.89 17.84
N ALA A 327 7.54 -37.50 17.13
CA ALA A 327 8.68 -38.09 17.79
C ALA A 327 9.60 -36.99 18.30
N LEU A 328 9.74 -35.92 17.53
CA LEU A 328 10.57 -34.79 17.98
C LEU A 328 9.97 -34.11 19.20
N LYS A 329 8.65 -33.95 19.25
CA LYS A 329 7.96 -33.33 20.39
C LYS A 329 8.08 -34.16 21.66
N ALA A 330 8.13 -35.47 21.51
CA ALA A 330 8.36 -36.30 22.66
C ALA A 330 9.81 -36.26 23.13
N GLN A 331 10.67 -35.49 22.48
CA GLN A 331 12.00 -35.20 23.06
C GLN A 331 12.09 -33.76 23.59
N TYR A 332 11.74 -32.80 22.76
CA TYR A 332 12.02 -31.39 23.03
C TYR A 332 10.95 -30.65 23.82
N PRO B 25 8.61 27.98 -36.92
CA PRO B 25 8.41 26.53 -36.72
C PRO B 25 9.18 26.00 -35.52
N VAL B 26 8.51 25.27 -34.64
CA VAL B 26 9.18 24.70 -33.48
C VAL B 26 9.07 23.17 -33.54
N THR B 27 10.08 22.46 -33.02
CA THR B 27 10.11 21.00 -32.98
C THR B 27 10.24 20.55 -31.54
N LEU B 28 9.37 19.62 -31.13
CA LEU B 28 9.31 19.16 -29.76
C LEU B 28 9.75 17.73 -29.74
N ASN B 29 10.63 17.37 -28.83
CA ASN B 29 10.99 15.97 -28.68
C ASN B 29 10.01 15.20 -27.76
N TYR B 30 9.47 14.12 -28.26
CA TYR B 30 8.44 13.41 -27.54
C TYR B 30 9.06 12.07 -27.18
N ALA B 31 9.25 11.84 -25.89
CA ALA B 31 9.88 10.62 -25.41
C ALA B 31 8.83 9.52 -25.07
N ASN B 32 9.09 8.29 -25.44
CA ASN B 32 8.25 7.18 -25.04
C ASN B 32 9.09 6.01 -24.59
N PHE B 33 8.47 5.04 -23.88
CA PHE B 33 9.20 3.98 -23.16
C PHE B 33 9.14 2.52 -23.72
N PRO B 34 8.05 2.12 -24.42
CA PRO B 34 7.92 0.76 -24.93
C PRO B 34 8.12 0.69 -26.43
N PRO B 35 8.13 -0.51 -27.02
CA PRO B 35 8.50 -0.64 -28.44
C PRO B 35 7.58 0.11 -29.36
N ALA B 36 7.96 0.39 -30.60
CA ALA B 36 7.15 1.26 -31.43
C ALA B 36 5.77 0.64 -31.80
N SER B 37 5.62 -0.65 -31.59
CA SER B 37 4.44 -1.35 -32.05
C SER B 37 3.34 -1.32 -31.00
N THR B 38 3.70 -1.01 -29.75
CA THR B 38 2.71 -0.98 -28.66
C THR B 38 1.86 0.28 -28.68
N PHE B 39 0.76 0.21 -27.94
CA PHE B 39 -0.28 1.21 -28.08
C PHE B 39 0.18 2.61 -27.57
N PRO B 40 0.99 2.69 -26.51
CA PRO B 40 1.39 4.04 -26.16
C PRO B 40 2.15 4.72 -27.27
N CYS B 41 2.83 3.92 -28.11
CA CYS B 41 3.61 4.45 -29.21
C CYS B 41 2.80 4.74 -30.47
N ILE B 42 1.86 3.85 -30.79
CA ILE B 42 0.91 4.09 -31.87
C ILE B 42 0.14 5.41 -31.62
N GLN B 43 -0.28 5.65 -30.38
CA GLN B 43 -1.10 6.83 -30.12
C GLN B 43 -0.27 8.07 -30.19
N MET B 44 0.99 8.01 -29.75
CA MET B 44 1.94 9.12 -29.93
C MET B 44 2.15 9.48 -31.43
N GLU B 45 2.34 8.47 -32.28
CA GLU B 45 2.47 8.69 -33.71
C GLU B 45 1.21 9.34 -34.34
N GLN B 46 0.03 8.91 -33.91
CA GLN B 46 -1.21 9.56 -34.30
C GLN B 46 -1.34 11.03 -33.78
N TRP B 47 -0.98 11.24 -32.53
CA TRP B 47 -0.98 12.55 -31.93
C TRP B 47 -0.08 13.52 -32.69
N ALA B 48 1.14 13.07 -32.99
CA ALA B 48 2.06 13.94 -33.68
C ALA B 48 1.55 14.21 -35.11
N HIS B 49 0.91 13.23 -35.75
CA HIS B 49 0.27 13.47 -37.05
C HIS B 49 -0.74 14.65 -37.04
N GLU B 50 -1.56 14.67 -36.02
CA GLU B 50 -2.59 15.67 -35.88
C GLU B 50 -2.05 17.07 -35.58
N VAL B 51 -1.05 17.15 -34.71
CA VAL B 51 -0.46 18.43 -34.37
C VAL B 51 0.15 19.05 -35.61
N ARG B 52 0.84 18.23 -36.42
CA ARG B 52 1.43 18.70 -37.66
C ARG B 52 0.36 19.25 -38.59
N THR B 53 -0.72 18.49 -38.76
CA THR B 53 -1.80 18.84 -39.67
C THR B 53 -2.56 20.09 -39.19
N ARG B 54 -2.87 20.12 -37.89
CA ARG B 54 -3.71 21.21 -37.31
C ARG B 54 -2.94 22.51 -37.08
N THR B 55 -1.64 22.43 -36.86
CA THR B 55 -0.83 23.64 -36.79
C THR B 55 -0.25 24.01 -38.16
N ARG B 56 -0.62 23.26 -39.20
CA ARG B 56 -0.09 23.50 -40.54
C ARG B 56 1.42 23.76 -40.51
N GLY B 57 2.17 22.77 -40.05
CA GLY B 57 3.62 22.79 -40.16
C GLY B 57 4.36 23.70 -39.19
N LYS B 58 3.61 24.49 -38.44
CA LYS B 58 4.13 25.32 -37.37
C LYS B 58 4.73 24.53 -36.20
N VAL B 59 4.09 23.41 -35.84
CA VAL B 59 4.71 22.49 -34.89
C VAL B 59 5.13 21.16 -35.56
N ASP B 60 6.30 20.66 -35.22
CA ASP B 60 6.67 19.34 -35.61
C ASP B 60 7.02 18.55 -34.36
N VAL B 61 6.95 17.24 -34.47
CA VAL B 61 7.32 16.37 -33.39
C VAL B 61 8.35 15.33 -33.84
N LEU B 62 9.43 15.21 -33.08
CA LEU B 62 10.43 14.17 -33.27
C LEU B 62 10.27 13.15 -32.13
N THR B 63 9.78 11.96 -32.50
CA THR B 63 9.40 10.95 -31.53
C THR B 63 10.56 10.01 -31.22
N TYR B 64 10.60 9.52 -29.97
CA TYR B 64 11.63 8.61 -29.55
C TYR B 64 11.04 7.40 -28.84
N PRO B 65 10.46 6.45 -29.60
CA PRO B 65 9.93 5.22 -28.97
C PRO B 65 11.05 4.39 -28.38
N GLY B 66 10.67 3.43 -27.54
CA GLY B 66 11.60 2.40 -27.12
C GLY B 66 12.61 2.86 -26.08
N GLY B 67 12.39 3.99 -25.43
CA GLY B 67 13.26 4.38 -24.34
C GLY B 67 14.62 4.93 -24.72
N THR B 68 14.77 5.37 -25.97
CA THR B 68 16.06 5.90 -26.44
C THR B 68 16.39 7.30 -25.89
N LEU B 69 15.37 8.04 -25.53
CA LEU B 69 15.58 9.32 -24.90
C LEU B 69 15.32 9.19 -23.41
N LEU B 70 14.11 8.78 -23.05
CA LEU B 70 13.76 8.57 -21.68
C LEU B 70 13.07 7.24 -21.60
N GLY B 71 13.34 6.50 -20.53
CA GLY B 71 12.67 5.23 -20.29
C GLY B 71 11.55 5.39 -19.28
N ALA B 72 10.99 4.24 -18.89
CA ALA B 72 9.86 4.19 -17.98
C ALA B 72 10.20 4.79 -16.63
N ARG B 73 11.42 4.58 -16.17
CA ARG B 73 11.78 4.96 -14.81
C ARG B 73 12.04 6.48 -14.69
N ASN B 74 12.65 7.08 -15.71
CA ASN B 74 13.02 8.49 -15.67
C ASN B 74 12.14 9.42 -16.51
N MET B 75 10.99 8.95 -16.95
CA MET B 75 10.12 9.71 -17.85
C MET B 75 9.67 11.00 -17.19
N LEU B 76 8.98 10.87 -16.04
CA LEU B 76 8.42 12.05 -15.35
C LEU B 76 9.49 13.06 -14.92
N ARG B 77 10.60 12.64 -14.33
CA ARG B 77 11.57 13.67 -13.95
C ARG B 77 12.34 14.20 -15.15
N GLY B 78 12.42 13.44 -16.24
CA GLY B 78 13.17 13.88 -17.40
C GLY B 78 12.43 14.89 -18.23
N VAL B 79 11.11 14.80 -18.22
CA VAL B 79 10.26 15.80 -18.84
C VAL B 79 10.26 17.10 -18.05
N MET B 80 10.22 16.98 -16.72
CA MET B 80 10.29 18.13 -15.84
C MET B 80 11.68 18.83 -15.91
N SER B 81 12.73 18.08 -16.19
CA SER B 81 14.05 18.66 -16.29
C SER B 81 14.33 19.18 -17.71
N GLY B 82 13.40 18.96 -18.62
CA GLY B 82 13.54 19.48 -19.98
C GLY B 82 14.29 18.54 -20.92
N GLN B 83 14.73 17.38 -20.42
CA GLN B 83 15.53 16.47 -21.23
C GLN B 83 14.69 15.90 -22.40
N ALA B 84 13.38 15.98 -22.26
CA ALA B 84 12.43 15.82 -23.37
C ALA B 84 11.37 16.89 -23.21
N ASP B 85 10.80 17.38 -24.31
CA ASP B 85 9.67 18.30 -24.23
C ASP B 85 8.34 17.62 -23.82
N ILE B 86 8.10 16.42 -24.32
CA ILE B 86 6.89 15.64 -24.05
C ILE B 86 7.26 14.18 -23.79
N GLY B 87 6.46 13.50 -22.99
CA GLY B 87 6.61 12.07 -22.77
C GLY B 87 5.31 11.47 -22.26
N CYS B 88 5.35 10.17 -22.04
CA CYS B 88 4.19 9.38 -21.71
C CYS B 88 4.41 8.52 -20.47
N ILE B 89 3.61 8.73 -19.43
CA ILE B 89 3.77 8.02 -18.16
C ILE B 89 2.60 7.11 -17.91
N SER B 90 2.87 5.90 -17.50
CA SER B 90 1.85 5.04 -16.93
C SER B 90 1.74 5.37 -15.45
N LEU B 91 0.59 5.92 -15.00
CA LEU B 91 0.48 6.46 -13.62
C LEU B 91 0.82 5.44 -12.54
N ALA B 92 0.54 4.17 -12.81
CA ALA B 92 0.70 3.08 -11.84
C ALA B 92 2.16 2.76 -11.52
N TYR B 93 3.06 3.21 -12.38
CA TYR B 93 4.49 3.03 -12.15
C TYR B 93 5.02 4.04 -11.13
N HIS B 94 4.19 4.96 -10.66
CA HIS B 94 4.64 5.96 -9.71
C HIS B 94 3.84 5.99 -8.40
N PRO B 95 4.01 4.96 -7.55
CA PRO B 95 3.06 4.87 -6.44
C PRO B 95 3.08 6.05 -5.48
N GLY B 96 1.89 6.44 -5.03
CA GLY B 96 1.76 7.53 -4.07
C GLY B 96 1.88 8.92 -4.67
N VAL B 97 2.39 9.03 -5.89
CA VAL B 97 2.58 10.33 -6.52
C VAL B 97 1.24 10.88 -7.02
N PHE B 98 0.28 10.01 -7.36
CA PHE B 98 -0.97 10.47 -7.96
C PHE B 98 -2.13 10.02 -7.12
N PRO B 99 -2.32 10.68 -5.98
CA PRO B 99 -3.37 10.25 -5.04
C PRO B 99 -4.81 10.36 -5.59
N VAL B 100 -5.07 11.34 -6.45
CA VAL B 100 -6.38 11.52 -7.02
C VAL B 100 -6.64 10.66 -8.25
N MET B 101 -5.77 10.76 -9.26
CA MET B 101 -5.91 10.03 -10.53
C MET B 101 -5.62 8.55 -10.43
N SER B 102 -4.96 8.11 -9.36
CA SER B 102 -4.85 6.68 -9.06
C SER B 102 -6.20 6.00 -8.77
N VAL B 103 -7.26 6.78 -8.64
CA VAL B 103 -8.61 6.22 -8.54
C VAL B 103 -8.92 5.39 -9.78
N PHE B 104 -8.31 5.77 -10.89
CA PHE B 104 -8.47 5.00 -12.14
C PHE B 104 -7.65 3.72 -12.22
N GLU B 105 -7.01 3.33 -11.12
CA GLU B 105 -6.31 2.06 -11.08
C GLU B 105 -7.15 1.05 -10.32
N LEU B 106 -8.26 1.52 -9.78
CA LEU B 106 -9.22 0.65 -9.12
C LEU B 106 -10.19 0.07 -10.15
N PRO B 107 -10.89 -1.02 -9.79
CA PRO B 107 -11.89 -1.64 -10.65
C PRO B 107 -13.18 -0.81 -10.69
N LEU B 108 -13.29 -0.05 -11.78
CA LEU B 108 -14.29 1.01 -11.86
C LEU B 108 -15.39 0.53 -12.78
N GLY B 109 -15.24 -0.70 -13.25
CA GLY B 109 -16.32 -1.34 -14.00
C GLY B 109 -16.36 -1.01 -15.48
N PHE B 110 -15.29 -0.41 -15.97
CA PHE B 110 -15.17 -0.08 -17.39
C PHE B 110 -14.90 -1.31 -18.25
N THR B 111 -15.65 -1.45 -19.34
CA THR B 111 -15.46 -2.59 -20.19
C THR B 111 -14.76 -2.33 -21.51
N SER B 112 -14.43 -1.06 -21.77
CA SER B 112 -13.69 -0.66 -22.93
C SER B 112 -12.70 0.44 -22.58
N ALA B 113 -11.60 0.46 -23.29
CA ALA B 113 -10.59 1.50 -23.16
C ALA B 113 -11.09 2.84 -23.67
N GLU B 114 -12.01 2.81 -24.63
CA GLU B 114 -12.52 4.03 -25.21
C GLU B 114 -13.36 4.76 -24.15
N ALA B 115 -14.26 4.02 -23.53
CA ALA B 115 -15.11 4.62 -22.50
C ALA B 115 -14.21 5.07 -21.36
N ALA B 116 -13.27 4.21 -20.97
CA ALA B 116 -12.43 4.53 -19.83
C ALA B 116 -11.51 5.76 -20.05
N SER B 117 -11.02 5.94 -21.28
CA SER B 117 -10.02 6.93 -21.59
C SER B 117 -10.71 8.29 -21.57
N SER B 118 -11.86 8.37 -22.23
CA SER B 118 -12.71 9.58 -22.18
C SER B 118 -13.09 10.01 -20.78
N VAL B 119 -13.55 9.07 -19.97
CA VAL B 119 -13.92 9.44 -18.61
C VAL B 119 -12.67 9.91 -17.84
N LEU B 120 -11.56 9.22 -17.94
CA LEU B 120 -10.35 9.66 -17.29
C LEU B 120 -10.01 11.13 -17.66
N TRP B 121 -10.02 11.42 -18.95
CA TRP B 121 -9.59 12.71 -19.40
C TRP B 121 -10.54 13.78 -18.85
N GLU B 122 -11.84 13.54 -18.91
CA GLU B 122 -12.80 14.47 -18.38
C GLU B 122 -12.67 14.63 -16.86
N LEU B 123 -12.32 13.58 -16.15
CA LEU B 123 -12.14 13.73 -14.72
C LEU B 123 -10.97 14.64 -14.46
N TYR B 124 -9.86 14.45 -15.18
CA TYR B 124 -8.67 15.30 -15.01
C TYR B 124 -8.93 16.78 -15.40
N SER B 125 -9.57 16.97 -16.55
CA SER B 125 -9.91 18.25 -17.06
C SER B 125 -10.60 19.17 -16.04
N GLY B 126 -11.65 18.65 -15.42
CA GLY B 126 -12.51 19.45 -14.56
C GLY B 126 -12.14 19.44 -13.11
N LEU B 127 -11.02 18.80 -12.78
CA LEU B 127 -10.59 18.74 -11.40
C LEU B 127 -9.19 19.29 -11.23
N ARG B 128 -8.28 18.95 -12.14
CA ARG B 128 -6.92 19.49 -12.13
C ARG B 128 -6.19 19.33 -10.81
N PRO B 129 -6.12 18.13 -10.32
CA PRO B 129 -5.47 17.99 -9.02
C PRO B 129 -3.97 18.43 -9.03
N ALA B 130 -3.57 18.97 -7.90
CA ALA B 130 -2.27 19.60 -7.74
C ALA B 130 -1.11 18.62 -7.94
N GLU B 131 -1.37 17.32 -7.87
CA GLU B 131 -0.31 16.33 -8.08
C GLU B 131 0.33 16.41 -9.46
N LEU B 132 -0.39 16.93 -10.45
CA LEU B 132 0.12 17.03 -11.83
C LEU B 132 0.36 18.46 -12.25
N GLU B 133 0.28 19.37 -11.30
CA GLU B 133 0.39 20.77 -11.60
C GLU B 133 1.81 21.18 -12.04
N ARG B 134 2.84 20.40 -11.70
CA ARG B 134 4.23 20.75 -12.10
C ARG B 134 4.51 20.46 -13.57
N VAL B 135 3.50 20.03 -14.31
CA VAL B 135 3.66 19.77 -15.73
C VAL B 135 2.37 20.20 -16.44
N LYS B 136 2.42 20.29 -17.75
CA LYS B 136 1.23 20.47 -18.52
C LYS B 136 0.75 19.07 -19.01
N VAL B 137 -0.50 18.71 -18.70
CA VAL B 137 -1.04 17.46 -19.20
C VAL B 137 -1.73 17.68 -20.57
N LEU B 138 -1.20 17.04 -21.62
CA LEU B 138 -1.71 17.26 -22.98
C LEU B 138 -2.90 16.40 -23.28
N THR B 139 -2.86 15.15 -22.83
CA THR B 139 -4.00 14.26 -22.93
C THR B 139 -3.80 13.13 -21.92
N MET B 140 -4.76 12.22 -21.91
CA MET B 140 -4.78 11.07 -21.03
C MET B 140 -5.55 10.01 -21.73
N PHE B 141 -5.20 8.76 -21.43
CA PHE B 141 -5.95 7.62 -21.90
C PHE B 141 -5.66 6.42 -21.00
N THR B 142 -6.40 5.33 -21.17
CA THR B 142 -6.16 4.09 -20.42
C THR B 142 -5.80 2.88 -21.31
N SER B 143 -5.28 1.82 -20.70
CA SER B 143 -5.29 0.51 -21.38
C SER B 143 -6.72 -0.05 -21.38
N ALA B 144 -6.90 -1.17 -22.07
CA ALA B 144 -8.11 -1.95 -21.92
C ALA B 144 -8.20 -2.67 -20.51
N PRO B 145 -9.39 -3.22 -20.16
CA PRO B 145 -9.50 -3.96 -18.89
C PRO B 145 -8.42 -5.09 -18.74
N SER B 146 -7.92 -5.32 -17.53
CA SER B 146 -6.84 -6.25 -17.32
C SER B 146 -7.32 -7.71 -17.23
N HIS B 147 -6.57 -8.63 -17.86
CA HIS B 147 -6.84 -10.06 -17.72
C HIS B 147 -5.53 -10.76 -17.28
N PHE B 148 -5.58 -12.05 -16.98
CA PHE B 148 -4.34 -12.78 -16.69
C PHE B 148 -3.81 -13.39 -17.93
N MET B 149 -2.50 -13.24 -18.10
CA MET B 149 -1.71 -13.93 -19.16
C MET B 149 -0.71 -14.83 -18.43
N THR B 150 -0.86 -16.14 -18.53
CA THR B 150 -0.05 -17.03 -17.72
C THR B 150 0.64 -18.17 -18.51
N VAL B 151 1.72 -18.67 -17.93
CA VAL B 151 2.47 -19.79 -18.44
C VAL B 151 1.74 -21.12 -18.29
N THR B 152 1.07 -21.30 -17.15
CA THR B 152 0.16 -22.42 -16.90
C THR B 152 -1.30 -21.96 -16.80
N PRO B 153 -2.27 -22.87 -17.03
CA PRO B 153 -3.68 -22.49 -16.98
C PRO B 153 -4.20 -22.12 -15.59
N VAL B 154 -4.92 -21.01 -15.53
CA VAL B 154 -5.62 -20.61 -14.33
C VAL B 154 -7.12 -20.76 -14.61
N ARG B 155 -7.71 -21.80 -14.04
CA ARG B 155 -9.11 -22.10 -14.25
C ARG B 155 -9.92 -21.80 -12.98
N SER B 156 -9.27 -21.19 -11.99
CA SER B 156 -9.94 -20.92 -10.73
C SER B 156 -9.09 -20.06 -9.81
N LEU B 157 -9.71 -19.52 -8.78
CA LEU B 157 -9.01 -18.69 -7.81
C LEU B 157 -7.97 -19.47 -7.04
N ARG B 158 -8.26 -20.74 -6.79
CA ARG B 158 -7.30 -21.63 -6.13
C ARG B 158 -5.99 -21.69 -6.92
N ASP B 159 -6.06 -21.70 -8.24
CA ASP B 159 -4.85 -21.76 -9.07
C ASP B 159 -3.96 -20.54 -8.92
N LEU B 160 -4.59 -19.42 -8.58
CA LEU B 160 -3.94 -18.12 -8.45
C LEU B 160 -3.07 -18.01 -7.21
N GLN B 161 -3.46 -18.72 -6.16
CA GLN B 161 -2.83 -18.61 -4.85
C GLN B 161 -1.34 -18.86 -4.92
N GLY B 162 -0.55 -17.87 -4.52
CA GLY B 162 0.90 -18.04 -4.51
C GLY B 162 1.64 -17.76 -5.81
N MET B 163 0.90 -17.70 -6.91
CA MET B 163 1.49 -17.55 -8.26
C MET B 163 2.05 -16.13 -8.41
N GLU B 164 3.34 -16.04 -8.72
CA GLU B 164 4.03 -14.78 -8.98
C GLU B 164 3.54 -14.10 -10.29
N ILE B 165 2.76 -13.01 -10.16
CA ILE B 165 2.15 -12.36 -11.34
C ILE B 165 2.59 -10.93 -11.41
N ARG B 166 2.98 -10.45 -12.58
CA ARG B 166 3.41 -9.07 -12.74
C ARG B 166 2.24 -8.03 -12.74
N GLY B 167 2.36 -6.94 -11.99
CA GLY B 167 1.41 -5.85 -12.07
C GLY B 167 2.15 -4.54 -11.86
N ALA B 168 1.44 -3.45 -11.55
CA ALA B 168 2.04 -2.19 -11.09
C ALA B 168 1.02 -1.42 -10.27
N GLY B 169 1.52 -0.68 -9.31
CA GLY B 169 0.69 0.14 -8.46
C GLY B 169 -0.49 -0.65 -7.94
N THR B 170 -1.68 -0.07 -8.02
CA THR B 170 -2.85 -0.65 -7.42
C THR B 170 -3.28 -1.98 -8.05
N LEU B 171 -2.98 -2.14 -9.33
CA LEU B 171 -3.20 -3.42 -9.99
C LEU B 171 -2.44 -4.55 -9.25
N SER B 172 -1.24 -4.24 -8.75
CA SER B 172 -0.50 -5.10 -7.84
C SER B 172 -1.21 -5.29 -6.49
N ALA B 173 -1.73 -4.19 -5.93
CA ALA B 173 -2.55 -4.28 -4.71
C ALA B 173 -3.76 -5.21 -4.96
N ILE B 174 -4.35 -5.14 -6.15
CA ILE B 174 -5.44 -6.02 -6.52
C ILE B 174 -4.96 -7.49 -6.54
N LEU B 175 -3.81 -7.78 -7.15
CA LEU B 175 -3.32 -9.15 -7.22
C LEU B 175 -3.18 -9.74 -5.84
N GLU B 176 -2.67 -8.96 -4.91
CA GLU B 176 -2.45 -9.50 -3.60
C GLU B 176 -3.79 -9.77 -2.92
N LYS B 177 -4.75 -8.85 -3.02
CA LYS B 177 -6.08 -9.12 -2.48
C LYS B 177 -6.67 -10.44 -2.99
N LEU B 178 -6.42 -10.78 -4.25
CA LEU B 178 -6.86 -12.04 -4.84
C LEU B 178 -6.10 -13.30 -4.42
N GLY B 179 -4.92 -13.15 -3.86
CA GLY B 179 -4.16 -14.27 -3.35
C GLY B 179 -2.91 -14.61 -4.16
N ALA B 180 -2.63 -13.84 -5.21
CA ALA B 180 -1.43 -14.05 -5.97
C ALA B 180 -0.31 -13.29 -5.32
N THR B 181 0.91 -13.52 -5.79
CA THR B 181 2.09 -12.84 -5.32
C THR B 181 2.53 -11.83 -6.40
N PRO B 182 2.16 -10.56 -6.22
CA PRO B 182 2.46 -9.45 -7.12
C PRO B 182 3.95 -9.10 -7.15
N VAL B 183 4.41 -8.82 -8.36
CA VAL B 183 5.75 -8.36 -8.62
C VAL B 183 5.57 -7.14 -9.50
N SER B 184 5.84 -5.96 -8.97
CA SER B 184 5.63 -4.75 -9.72
C SER B 184 6.86 -4.37 -10.56
N MET B 185 6.61 -4.11 -11.84
CA MET B 185 7.65 -3.68 -12.77
C MET B 185 6.99 -3.03 -13.98
N PRO B 186 7.72 -2.14 -14.65
CA PRO B 186 7.16 -1.57 -15.90
C PRO B 186 7.25 -2.54 -17.10
N MET B 187 6.48 -2.28 -18.15
CA MET B 187 6.23 -3.27 -19.22
C MET B 187 7.52 -3.77 -19.89
N PRO B 188 8.50 -2.87 -20.05
CA PRO B 188 9.63 -3.31 -20.87
C PRO B 188 10.47 -4.36 -20.14
N GLU B 189 10.29 -4.48 -18.84
CA GLU B 189 11.02 -5.47 -18.09
C GLU B 189 10.31 -6.82 -17.99
N VAL B 190 9.09 -6.95 -18.52
CA VAL B 190 8.29 -8.14 -18.24
C VAL B 190 8.68 -9.36 -19.07
N PRO B 191 9.16 -9.14 -20.32
CA PRO B 191 9.60 -10.27 -21.14
C PRO B 191 10.73 -11.06 -20.47
N GLU B 192 11.71 -10.35 -19.94
CA GLU B 192 12.85 -10.96 -19.25
C GLU B 192 12.43 -11.68 -17.97
N ALA B 193 11.63 -11.04 -17.14
CA ALA B 193 11.16 -11.65 -15.92
C ALA B 193 10.44 -12.98 -16.22
N VAL B 194 9.66 -13.04 -17.27
CA VAL B 194 9.01 -14.28 -17.60
C VAL B 194 10.00 -15.32 -18.13
N GLN B 195 10.89 -14.90 -19.03
CA GLN B 195 11.85 -15.83 -19.63
C GLN B 195 12.74 -16.45 -18.51
N LYS B 196 13.35 -15.60 -17.68
CA LYS B 196 14.12 -16.06 -16.52
C LYS B 196 13.26 -16.66 -15.36
N GLY B 197 11.93 -16.71 -15.53
CA GLY B 197 11.08 -17.50 -14.66
C GLY B 197 10.83 -16.87 -13.32
N ILE B 198 11.05 -15.56 -13.27
CA ILE B 198 10.86 -14.75 -12.07
C ILE B 198 9.38 -14.45 -11.80
N ILE B 199 8.57 -14.45 -12.86
CA ILE B 199 7.11 -14.34 -12.74
C ILE B 199 6.55 -15.44 -13.61
N LYS B 200 5.27 -15.79 -13.43
CA LYS B 200 4.68 -16.89 -14.20
C LYS B 200 3.59 -16.35 -15.10
N GLY B 201 3.44 -15.02 -15.08
CA GLY B 201 2.33 -14.38 -15.77
C GLY B 201 2.24 -12.91 -15.45
N LEU B 202 1.33 -12.25 -16.17
CA LEU B 202 1.18 -10.81 -16.07
C LEU B 202 -0.27 -10.42 -16.07
N PHE B 203 -0.54 -9.27 -15.50
CA PHE B 203 -1.90 -8.87 -15.25
C PHE B 203 -2.05 -7.51 -15.93
N THR B 204 -2.59 -7.50 -17.15
CA THR B 204 -2.78 -6.30 -17.95
C THR B 204 -3.69 -6.62 -19.15
N SER B 205 -3.80 -5.70 -20.11
CA SER B 205 -4.64 -5.88 -21.29
C SER B 205 -3.91 -6.70 -22.34
N LEU B 206 -4.69 -7.32 -23.22
CA LEU B 206 -4.25 -8.45 -24.04
C LEU B 206 -3.64 -8.02 -25.35
N ASP B 207 -3.54 -6.69 -25.59
CA ASP B 207 -2.78 -6.16 -26.78
C ASP B 207 -1.34 -6.63 -26.80
N VAL B 208 -0.77 -6.79 -25.62
CA VAL B 208 0.60 -7.19 -25.51
C VAL B 208 0.81 -8.65 -25.94
N MET B 209 -0.26 -9.42 -26.17
CA MET B 209 -0.08 -10.80 -26.59
C MET B 209 0.57 -10.77 -27.96
N LYS B 210 0.19 -9.77 -28.76
CA LYS B 210 0.81 -9.56 -30.06
C LYS B 210 1.94 -8.53 -30.05
N ASP B 211 1.73 -7.36 -29.51
CA ASP B 211 2.70 -6.28 -29.66
C ASP B 211 4.02 -6.46 -28.89
N MET B 212 3.99 -7.25 -27.81
CA MET B 212 5.21 -7.66 -27.10
C MET B 212 5.47 -9.17 -27.32
N ASN B 213 4.64 -9.83 -28.14
CA ASN B 213 4.82 -11.21 -28.44
C ASN B 213 4.76 -12.04 -27.18
N PHE B 214 3.89 -11.68 -26.26
CA PHE B 214 3.64 -12.55 -25.12
C PHE B 214 2.94 -13.86 -25.53
N ALA B 215 2.36 -13.92 -26.71
CA ALA B 215 1.68 -15.18 -27.09
C ALA B 215 2.66 -16.37 -27.10
N GLU B 216 3.94 -16.11 -27.39
CA GLU B 216 4.95 -17.17 -27.48
C GLU B 216 5.57 -17.42 -26.12
N MET B 217 5.15 -16.72 -25.06
CA MET B 217 5.71 -16.98 -23.71
C MET B 217 4.66 -17.37 -22.68
N THR B 218 3.44 -16.90 -22.87
CA THR B 218 2.35 -17.14 -21.96
C THR B 218 1.21 -17.72 -22.80
N GLY B 219 1.11 -19.05 -22.82
CA GLY B 219 0.13 -19.78 -23.62
C GLY B 219 -1.33 -19.85 -23.15
N HIS B 220 -1.62 -19.31 -21.97
CA HIS B 220 -2.96 -19.38 -21.41
C HIS B 220 -3.43 -17.99 -21.04
N VAL B 221 -4.72 -17.72 -21.28
CA VAL B 221 -5.29 -16.44 -20.94
C VAL B 221 -6.56 -16.62 -20.11
N THR B 222 -6.68 -15.91 -19.01
CA THR B 222 -7.88 -16.03 -18.19
C THR B 222 -8.59 -14.68 -18.02
N ARG B 223 -9.88 -14.70 -18.33
CA ARG B 223 -10.71 -13.52 -18.25
C ARG B 223 -10.83 -13.09 -16.79
N ALA B 224 -10.45 -11.85 -16.50
CA ALA B 224 -10.67 -11.25 -15.21
C ALA B 224 -11.61 -10.00 -15.22
N ASP B 225 -11.74 -9.32 -16.37
CA ASP B 225 -12.55 -8.10 -16.47
C ASP B 225 -12.19 -7.09 -15.36
N GLN B 226 -10.87 -6.86 -15.20
CA GLN B 226 -10.35 -6.02 -14.12
C GLN B 226 -10.02 -4.57 -14.49
N ALA B 227 -9.56 -3.82 -13.50
CA ALA B 227 -9.15 -2.41 -13.65
C ALA B 227 -8.22 -2.15 -14.86
N VAL B 228 -8.14 -0.90 -15.25
CA VAL B 228 -7.27 -0.46 -16.33
C VAL B 228 -6.00 0.25 -15.77
N TYR B 229 -5.04 0.48 -16.64
CA TYR B 229 -3.82 1.23 -16.33
C TYR B 229 -3.91 2.58 -16.99
N PRO B 230 -4.00 3.65 -16.19
CA PRO B 230 -4.13 5.00 -16.75
C PRO B 230 -2.79 5.66 -17.14
N PHE B 231 -2.79 6.42 -18.24
CA PHE B 231 -1.60 7.11 -18.70
C PHE B 231 -1.86 8.59 -18.84
N ALA B 232 -0.81 9.37 -18.62
CA ALA B 232 -0.83 10.78 -19.01
C ALA B 232 0.29 11.14 -20.01
N VAL B 233 -0.08 11.87 -21.04
CA VAL B 233 0.87 12.53 -21.90
C VAL B 233 1.20 13.91 -21.28
N ILE B 234 2.47 14.07 -20.92
CA ILE B 234 2.92 15.22 -20.18
C ILE B 234 3.94 16.09 -20.95
N MET B 235 3.86 17.40 -20.73
CA MET B 235 4.81 18.33 -21.34
C MET B 235 5.52 19.21 -20.30
N ASN B 236 6.84 19.37 -20.47
CA ASN B 236 7.62 20.33 -19.66
C ASN B 236 6.87 21.65 -19.63
N ARG B 237 6.70 22.24 -18.44
CA ARG B 237 5.98 23.52 -18.32
C ARG B 237 6.68 24.62 -19.11
N GLU B 238 8.00 24.73 -18.94
CA GLU B 238 8.73 25.84 -19.59
C GLU B 238 8.52 25.70 -21.09
N ALA B 239 8.66 24.49 -21.60
CA ALA B 239 8.44 24.23 -23.02
C ALA B 239 7.04 24.66 -23.49
N TRP B 240 6.01 24.31 -22.72
CA TRP B 240 4.63 24.66 -23.08
C TRP B 240 4.40 26.17 -22.93
N GLU B 241 5.14 26.79 -22.01
CA GLU B 241 5.10 28.24 -21.89
C GLU B 241 5.66 28.98 -23.10
N ARG B 242 6.50 28.35 -23.91
CA ARG B 242 7.08 29.06 -25.04
C ARG B 242 6.27 28.92 -26.32
N LEU B 243 5.20 28.14 -26.24
CA LEU B 243 4.23 28.04 -27.33
C LEU B 243 3.35 29.28 -27.28
N SER B 244 2.95 29.76 -28.44
CA SER B 244 2.00 30.85 -28.56
C SER B 244 0.63 30.33 -28.20
N PRO B 245 -0.30 31.23 -27.80
CA PRO B 245 -1.69 30.89 -27.51
C PRO B 245 -2.43 30.16 -28.61
N ASP B 246 -2.31 30.51 -29.89
CA ASP B 246 -3.10 29.76 -30.88
C ASP B 246 -2.66 28.28 -31.03
N VAL B 247 -1.40 28.02 -30.69
CA VAL B 247 -0.81 26.71 -30.80
C VAL B 247 -1.17 25.93 -29.53
N GLN B 248 -1.14 26.59 -28.39
CA GLN B 248 -1.72 26.05 -27.17
C GLN B 248 -3.16 25.60 -27.38
N GLN B 249 -3.92 26.45 -28.08
CA GLN B 249 -5.34 26.24 -28.38
C GLN B 249 -5.55 25.03 -29.27
N VAL B 250 -4.59 24.72 -30.10
CA VAL B 250 -4.75 23.55 -30.96
C VAL B 250 -4.51 22.23 -30.21
N LEU B 251 -3.44 22.20 -29.41
CA LEU B 251 -3.07 21.05 -28.60
C LEU B 251 -4.18 20.80 -27.60
N ASP B 252 -4.67 21.87 -26.97
CA ASP B 252 -5.85 21.74 -26.14
C ASP B 252 -7.09 21.21 -26.89
N GLY B 253 -7.34 21.68 -28.11
CA GLY B 253 -8.49 21.21 -28.87
C GLY B 253 -8.42 19.74 -29.34
N LEU B 254 -7.28 19.10 -29.13
CA LEU B 254 -7.02 17.74 -29.61
C LEU B 254 -7.25 16.72 -28.49
N ALA B 255 -7.16 17.21 -27.27
CA ALA B 255 -7.00 16.35 -26.10
C ALA B 255 -8.09 15.28 -25.97
N ALA B 256 -9.34 15.72 -25.97
CA ALA B 256 -10.48 14.86 -25.71
C ALA B 256 -10.69 13.89 -26.87
N GLU B 257 -10.65 14.40 -28.08
CA GLU B 257 -10.61 13.59 -29.27
C GLU B 257 -9.55 12.49 -29.21
N HIS B 258 -8.35 12.86 -28.76
CA HIS B 258 -7.23 11.93 -28.80
C HIS B 258 -7.39 10.83 -27.72
N ALA B 259 -8.01 11.17 -26.59
CA ALA B 259 -8.24 10.19 -25.55
C ALA B 259 -9.20 9.10 -26.07
N ALA B 260 -10.29 9.59 -26.67
CA ALA B 260 -11.27 8.75 -27.33
C ALA B 260 -10.67 7.85 -28.38
N TRP B 261 -9.86 8.43 -29.27
CA TRP B 261 -9.18 7.70 -30.36
C TRP B 261 -8.28 6.57 -29.88
N THR B 262 -7.52 6.82 -28.83
CA THR B 262 -6.53 5.87 -28.36
C THR B 262 -7.27 4.68 -27.76
N GLY B 263 -8.30 4.99 -26.98
CA GLY B 263 -9.10 3.95 -26.43
C GLY B 263 -9.80 3.09 -27.48
N ARG B 264 -10.35 3.77 -28.49
CA ARG B 264 -11.03 3.13 -29.62
C ARG B 264 -10.10 2.25 -30.49
N TYR B 265 -8.88 2.72 -30.74
CA TYR B 265 -7.83 1.92 -31.41
C TYR B 265 -7.47 0.64 -30.62
N LEU B 266 -7.44 0.78 -29.31
CA LEU B 266 -6.93 -0.26 -28.46
C LEU B 266 -7.94 -1.35 -28.36
N ASP B 267 -9.20 -0.95 -28.18
CA ASP B 267 -10.28 -1.94 -28.12
C ASP B 267 -10.29 -2.83 -29.35
N ALA B 268 -10.15 -2.24 -30.53
CA ALA B 268 -10.15 -3.04 -31.75
C ALA B 268 -8.85 -3.85 -31.90
N HIS B 269 -7.69 -3.26 -31.61
CA HIS B 269 -6.41 -3.96 -31.60
C HIS B 269 -6.33 -5.14 -30.63
N VAL B 270 -7.02 -5.03 -29.48
CA VAL B 270 -7.17 -6.13 -28.56
C VAL B 270 -7.79 -7.34 -29.22
N GLN B 271 -8.88 -7.14 -29.98
CA GLN B 271 -9.51 -8.22 -30.78
C GLN B 271 -8.53 -8.95 -31.73
N ASP B 272 -7.86 -8.18 -32.59
CA ASP B 272 -6.86 -8.72 -33.52
C ASP B 272 -5.70 -9.41 -32.78
N SER B 273 -5.16 -8.78 -31.75
CA SER B 273 -4.12 -9.40 -30.93
C SER B 273 -4.51 -10.80 -30.46
N MET B 274 -5.74 -10.96 -29.95
CA MET B 274 -6.17 -12.23 -29.45
C MET B 274 -6.48 -13.23 -30.54
N ARG B 275 -6.94 -12.71 -31.66
CA ARG B 275 -7.22 -13.50 -32.85
C ARG B 275 -5.92 -14.10 -33.37
N TRP B 276 -4.93 -13.24 -33.49
CA TRP B 276 -3.57 -13.66 -33.81
C TRP B 276 -2.99 -14.68 -32.82
N ALA B 277 -3.21 -14.51 -31.54
CA ALA B 277 -2.48 -15.32 -30.60
C ALA B 277 -3.15 -16.67 -30.56
N GLU B 278 -4.46 -16.70 -30.70
CA GLU B 278 -5.20 -17.97 -30.62
C GLU B 278 -4.98 -18.87 -31.82
N GLU B 279 -4.89 -18.32 -33.02
CA GLU B 279 -4.89 -19.24 -34.14
C GLU B 279 -3.52 -19.36 -34.79
N LYS B 280 -2.56 -18.66 -34.23
CA LYS B 280 -1.22 -18.68 -34.77
C LYS B 280 -0.23 -18.95 -33.65
N HIS B 281 -0.72 -19.32 -32.47
CA HIS B 281 0.17 -19.80 -31.41
C HIS B 281 -0.48 -20.67 -30.38
N GLY B 282 -1.65 -21.21 -30.71
CA GLY B 282 -2.38 -22.12 -29.85
C GLY B 282 -2.73 -21.59 -28.46
N VAL B 283 -2.95 -20.31 -28.32
CA VAL B 283 -3.25 -19.78 -26.98
C VAL B 283 -4.58 -20.38 -26.48
N GLN B 284 -4.60 -20.78 -25.23
CA GLN B 284 -5.77 -21.37 -24.60
C GLN B 284 -6.45 -20.31 -23.72
N VAL B 285 -7.74 -20.06 -23.93
CA VAL B 285 -8.45 -19.09 -23.09
C VAL B 285 -9.45 -19.77 -22.11
N HIS B 286 -9.48 -19.26 -20.86
CA HIS B 286 -10.26 -19.84 -19.78
C HIS B 286 -11.08 -18.78 -19.09
N THR B 287 -12.16 -19.21 -18.46
CA THR B 287 -12.97 -18.34 -17.63
C THR B 287 -12.97 -18.90 -16.22
N LEU B 288 -13.15 -18.04 -15.22
CA LEU B 288 -13.32 -18.48 -13.83
C LEU B 288 -14.81 -18.65 -13.47
N PRO B 289 -15.13 -19.55 -12.53
CA PRO B 289 -16.52 -19.71 -12.12
C PRO B 289 -17.09 -18.42 -11.52
N GLU B 290 -18.41 -18.31 -11.60
CA GLU B 290 -19.11 -17.10 -11.18
C GLU B 290 -18.88 -16.81 -9.70
N GLU B 291 -18.77 -17.88 -8.93
CA GLU B 291 -18.55 -17.82 -7.50
C GLU B 291 -17.17 -17.30 -7.06
N ASP B 292 -16.11 -17.61 -7.83
CA ASP B 292 -14.78 -17.03 -7.62
C ASP B 292 -14.77 -15.52 -7.98
N ILE B 293 -15.38 -15.15 -9.08
CA ILE B 293 -15.55 -13.77 -9.46
C ILE B 293 -16.25 -12.93 -8.35
N ALA B 294 -17.36 -13.46 -7.85
CA ALA B 294 -18.11 -12.80 -6.79
C ALA B 294 -17.18 -12.60 -5.66
N ALA B 295 -16.34 -13.59 -5.40
CA ALA B 295 -15.50 -13.63 -4.19
C ALA B 295 -14.36 -12.64 -4.25
N MET B 296 -14.01 -12.31 -5.48
CA MET B 296 -12.79 -11.67 -5.82
C MET B 296 -13.11 -10.18 -5.75
N ARG B 297 -14.24 -9.78 -6.34
CA ARG B 297 -14.63 -8.37 -6.18
C ARG B 297 -15.06 -8.05 -4.77
N ARG B 298 -15.53 -9.01 -4.02
CA ARG B 298 -15.72 -8.74 -2.60
C ARG B 298 -14.39 -8.43 -1.93
N SER B 299 -13.33 -9.13 -2.31
CA SER B 299 -12.08 -9.05 -1.57
C SER B 299 -11.22 -7.84 -1.97
N VAL B 300 -11.63 -7.19 -3.04
CA VAL B 300 -10.99 -6.01 -3.61
C VAL B 300 -11.68 -4.72 -3.08
N GLN B 301 -12.93 -4.85 -2.65
CA GLN B 301 -13.70 -3.71 -2.10
C GLN B 301 -12.95 -2.74 -1.19
N PRO B 302 -12.06 -3.25 -0.34
CA PRO B 302 -11.43 -2.35 0.64
C PRO B 302 -10.33 -1.44 0.05
N LEU B 303 -9.80 -1.81 -1.11
CA LEU B 303 -8.88 -0.94 -1.81
C LEU B 303 -9.47 0.43 -2.02
N PHE B 304 -10.81 0.49 -2.13
CA PHE B 304 -11.52 1.73 -2.37
C PHE B 304 -11.39 2.65 -1.22
N ASP B 305 -11.58 2.13 -0.02
CA ASP B 305 -11.41 2.90 1.19
C ASP B 305 -9.98 3.42 1.41
N ALA B 306 -9.02 2.55 1.16
CA ALA B 306 -7.63 2.87 1.39
C ALA B 306 -7.19 3.91 0.38
N TRP B 307 -7.67 3.82 -0.87
CA TRP B 307 -7.47 4.89 -1.86
C TRP B 307 -8.03 6.22 -1.30
N ALA B 308 -9.22 6.16 -0.76
CA ALA B 308 -9.90 7.35 -0.25
C ALA B 308 -9.18 8.02 0.92
N GLN B 309 -8.70 7.21 1.87
CA GLN B 309 -7.91 7.69 3.02
C GLN B 309 -6.57 8.30 2.60
N ARG B 310 -5.88 7.72 1.63
CA ARG B 310 -4.63 8.28 1.14
C ARG B 310 -4.85 9.66 0.50
N ALA B 311 -5.98 9.82 -0.19
CA ALA B 311 -6.30 11.06 -0.90
C ALA B 311 -6.67 12.20 0.04
N ALA B 312 -7.56 11.92 1.00
CA ALA B 312 -7.96 12.91 2.02
C ALA B 312 -6.74 13.40 2.84
N ASP B 313 -5.91 12.43 3.21
CA ASP B 313 -4.61 12.63 3.84
C ASP B 313 -3.68 13.55 3.04
N LYS B 314 -3.99 13.76 1.76
CA LYS B 314 -3.21 14.66 0.95
C LYS B 314 -3.98 15.92 0.54
N GLY B 315 -5.17 16.10 1.10
CA GLY B 315 -5.93 17.33 0.95
C GLY B 315 -6.97 17.32 -0.15
N ALA B 316 -7.20 16.13 -0.72
CA ALA B 316 -8.09 16.01 -1.86
C ALA B 316 -9.41 15.58 -1.33
N ASP B 317 -10.47 15.81 -2.10
CA ASP B 317 -11.80 15.40 -1.66
C ASP B 317 -12.25 14.10 -2.34
N PRO B 318 -12.02 12.94 -1.69
CA PRO B 318 -12.30 11.71 -2.41
C PRO B 318 -13.81 11.47 -2.72
N ASP B 319 -14.69 12.05 -1.88
CA ASP B 319 -16.15 11.94 -2.03
C ASP B 319 -16.60 12.64 -3.29
N ALA B 320 -15.93 13.78 -3.53
CA ALA B 320 -16.09 14.61 -4.71
C ALA B 320 -15.58 13.91 -5.97
N VAL B 321 -14.37 13.36 -5.90
CA VAL B 321 -13.83 12.53 -6.99
C VAL B 321 -14.78 11.38 -7.40
N MET B 322 -15.34 10.67 -6.42
CA MET B 322 -16.18 9.48 -6.69
C MET B 322 -17.56 9.89 -7.27
N ARG B 323 -18.00 11.06 -6.85
CA ARG B 323 -19.25 11.65 -7.28
C ARG B 323 -19.13 12.04 -8.78
N THR B 324 -18.01 12.66 -9.12
CA THR B 324 -17.69 12.98 -10.52
C THR B 324 -17.48 11.74 -11.42
N VAL B 325 -16.73 10.76 -10.95
CA VAL B 325 -16.62 9.49 -11.72
C VAL B 325 -18.00 8.87 -12.05
N ASP B 326 -18.88 8.78 -11.06
CA ASP B 326 -20.23 8.26 -11.21
C ASP B 326 -20.99 9.03 -12.23
N ALA B 327 -20.86 10.35 -12.19
CA ALA B 327 -21.67 11.22 -13.01
C ALA B 327 -21.12 11.16 -14.44
N LEU B 328 -19.81 11.17 -14.57
CA LEU B 328 -19.22 11.04 -15.89
C LEU B 328 -19.51 9.67 -16.51
N LYS B 329 -19.57 8.60 -15.70
CA LYS B 329 -19.93 7.28 -16.22
C LYS B 329 -21.40 7.20 -16.70
N ALA B 330 -22.29 7.87 -15.99
CA ALA B 330 -23.69 7.92 -16.38
C ALA B 330 -23.93 8.78 -17.62
N GLN B 331 -23.00 8.78 -18.57
CA GLN B 331 -22.99 9.82 -19.60
C GLN B 331 -21.94 9.53 -20.70
N TYR B 332 -20.82 8.93 -20.34
CA TYR B 332 -19.79 8.69 -21.32
C TYR B 332 -19.75 7.25 -21.76
N GLY B 333 -19.42 7.08 -23.03
CA GLY B 333 -19.25 5.78 -23.66
C GLY B 333 -18.08 5.88 -24.61
N PRO C 25 36.48 -12.23 25.25
CA PRO C 25 35.86 -11.52 24.13
C PRO C 25 34.96 -10.38 24.58
N VAL C 26 35.07 -9.22 23.94
CA VAL C 26 34.28 -8.08 24.35
C VAL C 26 33.43 -7.53 23.21
N THR C 27 32.25 -7.03 23.57
CA THR C 27 31.39 -6.36 22.62
C THR C 27 31.22 -4.92 23.05
N LEU C 28 31.38 -4.01 22.09
CA LEU C 28 31.39 -2.56 22.32
C LEU C 28 30.23 -1.92 21.57
N ASN C 29 29.45 -1.12 22.27
CA ASN C 29 28.38 -0.35 21.64
C ASN C 29 28.89 0.97 21.01
N TYR C 30 28.64 1.15 19.71
CA TYR C 30 29.12 2.31 18.95
C TYR C 30 27.89 3.07 18.46
N ALA C 31 27.65 4.24 19.06
CA ALA C 31 26.52 5.12 18.69
C ALA C 31 26.89 6.04 17.55
N ASN C 32 25.96 6.21 16.62
CA ASN C 32 26.03 7.31 15.68
C ASN C 32 24.69 8.08 15.52
N PHE C 33 24.73 9.21 14.82
CA PHE C 33 23.57 10.09 14.70
C PHE C 33 22.85 10.10 13.34
N PRO C 34 23.58 10.09 12.21
CA PRO C 34 22.87 10.18 10.94
C PRO C 34 22.52 8.79 10.43
N PRO C 35 21.82 8.71 9.29
CA PRO C 35 21.38 7.41 8.75
C PRO C 35 22.52 6.50 8.30
N ALA C 36 22.26 5.21 8.14
CA ALA C 36 23.31 4.26 7.86
C ALA C 36 24.04 4.55 6.53
N SER C 37 23.33 5.15 5.58
CA SER C 37 23.85 5.37 4.25
C SER C 37 24.82 6.54 4.15
N THR C 38 24.92 7.35 5.20
CA THR C 38 25.81 8.51 5.21
C THR C 38 27.23 8.21 5.71
N PHE C 39 28.15 9.09 5.31
CA PHE C 39 29.58 8.75 5.39
C PHE C 39 30.12 8.47 6.81
N PRO C 40 29.58 9.16 7.84
CA PRO C 40 30.00 8.89 9.23
C PRO C 40 29.59 7.52 9.70
N CYS C 41 28.47 7.01 9.19
CA CYS C 41 28.03 5.66 9.55
C CYS C 41 28.77 4.64 8.69
N ILE C 42 28.89 4.93 7.38
CA ILE C 42 29.76 4.11 6.51
C ILE C 42 31.17 3.87 7.11
N GLN C 43 31.90 4.94 7.48
CA GLN C 43 33.23 4.78 8.08
C GLN C 43 33.16 4.00 9.40
N MET C 44 32.04 4.13 10.14
CA MET C 44 31.85 3.43 11.40
C MET C 44 31.89 1.86 11.19
N GLU C 45 31.17 1.39 10.17
CA GLU C 45 31.12 -0.04 9.88
C GLU C 45 32.46 -0.59 9.40
N GLN C 46 33.10 0.18 8.51
CA GLN C 46 34.45 -0.08 8.04
C GLN C 46 35.33 -0.28 9.23
N TRP C 47 35.17 0.61 10.20
CA TRP C 47 36.05 0.57 11.37
C TRP C 47 35.79 -0.68 12.19
N ALA C 48 34.51 -1.04 12.27
CA ALA C 48 34.08 -2.17 13.07
C ALA C 48 34.59 -3.44 12.38
N HIS C 49 34.50 -3.49 11.06
CA HIS C 49 35.11 -4.57 10.29
C HIS C 49 36.60 -4.78 10.61
N GLU C 50 37.40 -3.72 10.55
CA GLU C 50 38.85 -3.86 10.79
C GLU C 50 39.19 -4.26 12.24
N VAL C 51 38.44 -3.76 13.20
CA VAL C 51 38.61 -4.17 14.61
C VAL C 51 38.35 -5.68 14.81
N ARG C 52 37.27 -6.18 14.20
CA ARG C 52 36.93 -7.57 14.28
C ARG C 52 38.05 -8.40 13.66
N THR C 53 38.50 -7.98 12.48
CA THR C 53 39.55 -8.66 11.70
C THR C 53 40.90 -8.68 12.39
N ARG C 54 41.39 -7.52 12.82
CA ARG C 54 42.70 -7.43 13.45
C ARG C 54 42.71 -7.91 14.89
N THR C 55 41.56 -8.08 15.51
CA THR C 55 41.56 -8.73 16.81
C THR C 55 41.21 -10.22 16.68
N ARG C 56 41.08 -10.71 15.45
CA ARG C 56 40.70 -12.11 15.22
C ARG C 56 39.38 -12.48 15.90
N GLY C 57 38.44 -11.53 15.93
CA GLY C 57 37.14 -11.74 16.53
C GLY C 57 37.06 -11.65 18.05
N LYS C 58 38.14 -11.26 18.73
CA LYS C 58 38.10 -11.14 20.19
C LYS C 58 37.36 -9.88 20.62
N VAL C 59 37.35 -8.89 19.74
CA VAL C 59 36.54 -7.70 19.97
C VAL C 59 35.44 -7.60 18.91
N ASP C 60 34.21 -7.41 19.38
CA ASP C 60 33.12 -7.13 18.48
C ASP C 60 32.50 -5.75 18.77
N VAL C 61 31.92 -5.18 17.72
CA VAL C 61 31.24 -3.90 17.84
C VAL C 61 29.79 -4.03 17.36
N LEU C 62 28.85 -3.69 18.23
CA LEU C 62 27.46 -3.52 17.87
C LEU C 62 27.18 -2.03 17.54
N THR C 63 26.79 -1.74 16.29
CA THR C 63 26.59 -0.36 15.84
C THR C 63 25.14 0.10 15.92
N TYR C 64 24.96 1.40 16.15
CA TYR C 64 23.63 2.01 16.24
C TYR C 64 23.54 3.29 15.42
N PRO C 65 23.44 3.18 14.10
CA PRO C 65 23.16 4.36 13.27
C PRO C 65 21.80 4.99 13.58
N GLY C 66 21.61 6.19 13.03
CA GLY C 66 20.35 6.90 13.05
C GLY C 66 19.93 7.43 14.40
N GLY C 67 20.87 7.54 15.33
CA GLY C 67 20.59 8.05 16.66
C GLY C 67 19.73 7.20 17.59
N THR C 68 19.74 5.88 17.43
CA THR C 68 18.87 5.01 18.23
C THR C 68 19.39 4.84 19.65
N LEU C 69 20.66 5.09 19.85
CA LEU C 69 21.24 5.02 21.19
C LEU C 69 21.56 6.44 21.71
N LEU C 70 22.36 7.18 20.93
CA LEU C 70 22.63 8.59 21.18
C LEU C 70 22.47 9.38 19.90
N GLY C 71 21.93 10.60 20.06
CA GLY C 71 21.77 11.58 18.98
C GLY C 71 22.96 12.52 18.86
N ALA C 72 22.89 13.46 17.92
CA ALA C 72 24.01 14.33 17.61
C ALA C 72 24.40 15.19 18.81
N ARG C 73 23.38 15.69 19.51
CA ARG C 73 23.56 16.68 20.57
C ARG C 73 23.86 16.09 21.96
N ASN C 74 23.43 14.86 22.23
CA ASN C 74 23.85 14.22 23.46
C ASN C 74 24.94 13.14 23.28
N MET C 75 25.49 13.01 22.07
CA MET C 75 26.57 12.06 21.77
C MET C 75 27.74 12.17 22.74
N LEU C 76 28.31 13.37 22.86
CA LEU C 76 29.46 13.60 23.75
C LEU C 76 29.15 13.24 25.23
N ARG C 77 28.06 13.76 25.78
CA ARG C 77 27.77 13.55 27.20
C ARG C 77 27.36 12.10 27.50
N GLY C 78 26.71 11.48 26.52
CA GLY C 78 26.36 10.06 26.58
C GLY C 78 27.52 9.08 26.46
N VAL C 79 28.52 9.39 25.65
CA VAL C 79 29.72 8.58 25.64
C VAL C 79 30.44 8.69 26.99
N MET C 80 30.55 9.93 27.50
CA MET C 80 31.23 10.19 28.77
C MET C 80 30.60 9.51 29.97
N SER C 81 29.29 9.32 29.94
CA SER C 81 28.56 8.73 31.08
C SER C 81 28.52 7.22 30.98
N GLY C 82 28.95 6.69 29.83
CA GLY C 82 29.07 5.27 29.62
C GLY C 82 27.83 4.70 28.95
N GLN C 83 26.91 5.56 28.54
CA GLN C 83 25.67 5.10 27.93
C GLN C 83 25.99 4.43 26.59
N ALA C 84 27.09 4.85 26.01
CA ALA C 84 27.72 4.12 24.90
C ALA C 84 29.24 4.06 25.12
N ASP C 85 29.89 3.01 24.60
CA ASP C 85 31.33 2.89 24.65
C ASP C 85 32.04 3.82 23.65
N ILE C 86 31.57 3.76 22.42
CA ILE C 86 32.10 4.57 21.32
C ILE C 86 30.98 5.46 20.74
N GLY C 87 31.39 6.59 20.16
CA GLY C 87 30.47 7.54 19.58
C GLY C 87 31.19 8.37 18.54
N CYS C 88 30.42 9.05 17.71
CA CYS C 88 30.97 9.89 16.67
C CYS C 88 30.38 11.30 16.75
N ILE C 89 31.26 12.27 17.05
CA ILE C 89 30.85 13.66 17.22
C ILE C 89 31.34 14.52 16.07
N SER C 90 30.50 15.45 15.63
CA SER C 90 30.93 16.53 14.76
C SER C 90 31.29 17.73 15.64
N LEU C 91 32.56 18.13 15.64
CA LEU C 91 32.98 19.22 16.52
C LEU C 91 32.19 20.52 16.30
N ALA C 92 31.69 20.75 15.11
CA ALA C 92 31.02 22.02 14.86
C ALA C 92 29.66 22.13 15.57
N TYR C 93 29.07 21.00 15.98
CA TYR C 93 27.84 21.00 16.80
C TYR C 93 28.10 21.35 18.28
N HIS C 94 29.36 21.61 18.65
CA HIS C 94 29.66 21.97 20.04
C HIS C 94 30.50 23.24 20.13
N PRO C 95 29.87 24.41 19.90
CA PRO C 95 30.57 25.69 19.91
C PRO C 95 31.26 25.97 21.25
N GLY C 96 32.43 26.60 21.19
CA GLY C 96 33.15 26.97 22.41
C GLY C 96 33.84 25.81 23.08
N VAL C 97 33.38 24.60 22.83
CA VAL C 97 33.88 23.44 23.56
C VAL C 97 35.24 22.91 23.10
N PHE C 98 35.55 23.01 21.81
CA PHE C 98 36.86 22.60 21.30
C PHE C 98 37.65 23.76 20.70
N PRO C 99 38.19 24.67 21.55
CA PRO C 99 38.80 25.89 21.03
C PRO C 99 39.98 25.65 20.10
N VAL C 100 40.82 24.66 20.37
CA VAL C 100 41.94 24.34 19.50
C VAL C 100 41.57 23.59 18.20
N MET C 101 40.96 22.41 18.33
CA MET C 101 40.65 21.60 17.14
C MET C 101 39.67 22.30 16.20
N SER C 102 38.94 23.29 16.71
CA SER C 102 38.00 24.03 15.86
C SER C 102 38.72 24.86 14.80
N VAL C 103 40.05 24.87 14.86
CA VAL C 103 40.84 25.46 13.80
C VAL C 103 40.40 24.81 12.50
N PHE C 104 39.92 23.57 12.60
CA PHE C 104 39.56 22.85 11.39
C PHE C 104 38.22 23.20 10.81
N GLU C 105 37.49 24.11 11.45
CA GLU C 105 36.24 24.63 10.85
C GLU C 105 36.46 25.96 10.12
N LEU C 106 37.68 26.50 10.21
CA LEU C 106 38.14 27.59 9.35
C LEU C 106 38.44 27.20 7.89
N PRO C 107 38.36 28.18 6.98
CA PRO C 107 38.71 27.96 5.56
C PRO C 107 40.20 27.81 5.40
N LEU C 108 40.72 26.59 5.51
CA LEU C 108 42.15 26.34 5.48
C LEU C 108 42.59 25.96 4.07
N GLY C 109 41.70 25.98 3.09
CA GLY C 109 42.09 25.70 1.71
C GLY C 109 42.19 24.24 1.24
N PHE C 110 41.94 23.28 2.14
CA PHE C 110 41.87 21.87 1.73
C PHE C 110 40.84 21.69 0.62
N THR C 111 41.16 20.81 -0.32
CA THR C 111 40.28 20.52 -1.43
C THR C 111 39.88 19.05 -1.47
N SER C 112 40.48 18.23 -0.62
CA SER C 112 40.10 16.84 -0.55
C SER C 112 39.89 16.44 0.90
N ALA C 113 38.89 15.58 1.18
CA ALA C 113 38.63 15.08 2.55
C ALA C 113 39.72 14.12 2.99
N GLU C 114 40.35 13.46 2.02
CA GLU C 114 41.48 12.58 2.36
C GLU C 114 42.68 13.38 2.95
N ALA C 115 43.11 14.43 2.25
CA ALA C 115 44.16 15.27 2.80
C ALA C 115 43.76 15.85 4.19
N ALA C 116 42.57 16.43 4.30
CA ALA C 116 42.18 17.13 5.52
C ALA C 116 42.01 16.20 6.73
N SER C 117 41.45 15.03 6.48
CA SER C 117 41.29 14.01 7.52
C SER C 117 42.66 13.58 8.06
N SER C 118 43.59 13.30 7.16
CA SER C 118 44.90 12.83 7.60
C SER C 118 45.61 13.92 8.41
N VAL C 119 45.59 15.15 7.91
CA VAL C 119 46.20 16.28 8.61
C VAL C 119 45.53 16.58 9.96
N LEU C 120 44.21 16.40 10.04
CA LEU C 120 43.51 16.60 11.28
C LEU C 120 43.95 15.61 12.37
N TRP C 121 44.07 14.36 11.99
CA TRP C 121 44.56 13.35 12.93
C TRP C 121 46.05 13.56 13.32
N GLU C 122 46.92 13.88 12.35
CA GLU C 122 48.33 14.23 12.66
C GLU C 122 48.48 15.41 13.62
N LEU C 123 47.70 16.47 13.39
CA LEU C 123 47.64 17.64 14.29
C LEU C 123 47.25 17.22 15.69
N TYR C 124 46.10 16.54 15.82
CA TYR C 124 45.63 16.06 17.12
C TYR C 124 46.61 15.09 17.82
N SER C 125 47.09 14.07 17.12
CA SER C 125 48.09 13.15 17.70
C SER C 125 49.30 13.90 18.18
N GLY C 126 49.63 14.99 17.51
CA GLY C 126 50.81 15.75 17.86
C GLY C 126 50.58 16.72 18.99
N LEU C 127 49.33 17.10 19.25
CA LEU C 127 49.07 18.17 20.20
C LEU C 127 48.40 17.65 21.45
N ARG C 128 47.47 16.71 21.28
CA ARG C 128 46.73 16.14 22.41
C ARG C 128 46.21 17.26 23.32
N PRO C 129 45.40 18.19 22.76
CA PRO C 129 44.78 19.30 23.49
C PRO C 129 43.85 18.85 24.63
N ALA C 130 43.81 19.66 25.70
CA ALA C 130 43.05 19.33 26.92
C ALA C 130 41.51 19.31 26.77
N GLU C 131 41.00 19.96 25.74
CA GLU C 131 39.58 19.95 25.45
C GLU C 131 39.09 18.52 25.19
N LEU C 132 40.01 17.63 24.86
CA LEU C 132 39.65 16.25 24.50
C LEU C 132 40.18 15.18 25.45
N GLU C 133 40.78 15.58 26.57
CA GLU C 133 41.45 14.61 27.43
C GLU C 133 40.49 13.79 28.32
N ARG C 134 39.19 14.13 28.30
CA ARG C 134 38.22 13.41 29.15
C ARG C 134 37.55 12.27 28.41
N VAL C 135 37.92 12.10 27.14
CA VAL C 135 37.59 10.87 26.43
C VAL C 135 38.85 10.32 25.77
N LYS C 136 38.74 9.09 25.29
CA LYS C 136 39.73 8.49 24.40
C LYS C 136 39.38 8.79 22.95
N VAL C 137 40.30 9.38 22.21
CA VAL C 137 40.06 9.67 20.81
C VAL C 137 40.65 8.54 19.97
N LEU C 138 39.79 7.79 19.30
CA LEU C 138 40.18 6.59 18.58
C LEU C 138 40.70 6.96 17.21
N THR C 139 40.05 7.94 16.59
CA THR C 139 40.46 8.50 15.30
C THR C 139 39.70 9.82 15.01
N MET C 140 39.98 10.48 13.89
CA MET C 140 39.24 11.68 13.53
C MET C 140 39.17 11.74 11.99
N PHE C 141 38.20 12.45 11.45
CA PHE C 141 38.20 12.68 10.02
C PHE C 141 37.37 13.92 9.69
N THR C 142 37.28 14.25 8.42
CA THR C 142 36.49 15.41 8.01
C THR C 142 35.59 15.12 6.82
N SER C 143 34.54 15.94 6.71
CA SER C 143 33.76 16.03 5.50
C SER C 143 34.65 16.54 4.37
N ALA C 144 34.14 16.50 3.15
CA ALA C 144 34.78 17.17 2.02
C ALA C 144 34.55 18.69 2.10
N PRO C 145 35.13 19.44 1.17
CA PRO C 145 34.88 20.86 1.17
C PRO C 145 33.39 21.19 1.10
N SER C 146 33.03 22.30 1.71
CA SER C 146 31.65 22.76 1.71
C SER C 146 31.32 23.57 0.45
N HIS C 147 30.12 23.35 -0.05
CA HIS C 147 29.61 24.07 -1.19
C HIS C 147 28.18 24.48 -0.85
N PHE C 148 27.54 25.23 -1.75
CA PHE C 148 26.16 25.68 -1.53
C PHE C 148 25.12 24.75 -2.19
N MET C 149 24.13 24.32 -1.42
CA MET C 149 23.05 23.50 -1.93
C MET C 149 21.74 24.25 -1.67
N THR C 150 21.09 24.68 -2.76
CA THR C 150 19.98 25.62 -2.64
C THR C 150 18.78 25.28 -3.54
N VAL C 151 17.63 25.84 -3.20
CA VAL C 151 16.39 25.64 -3.97
C VAL C 151 16.33 26.48 -5.25
N THR C 152 16.77 27.74 -5.15
CA THR C 152 16.87 28.62 -6.30
C THR C 152 18.34 28.79 -6.66
N PRO C 153 18.65 29.26 -7.88
CA PRO C 153 20.03 29.37 -8.35
C PRO C 153 20.80 30.45 -7.64
N VAL C 154 22.04 30.17 -7.28
CA VAL C 154 22.92 31.19 -6.74
C VAL C 154 24.11 31.34 -7.69
N ARG C 155 24.14 32.47 -8.40
CA ARG C 155 25.21 32.72 -9.35
C ARG C 155 26.06 33.94 -8.97
N SER C 156 25.76 34.53 -7.82
CA SER C 156 26.56 35.62 -7.25
C SER C 156 26.38 35.75 -5.73
N LEU C 157 27.31 36.44 -5.07
CA LEU C 157 27.18 36.73 -3.65
C LEU C 157 25.94 37.57 -3.40
N ARG C 158 25.45 38.24 -4.44
CA ARG C 158 24.25 39.05 -4.30
C ARG C 158 23.04 38.17 -4.02
N ASP C 159 22.90 37.12 -4.80
CA ASP C 159 21.84 36.14 -4.60
C ASP C 159 21.83 35.54 -3.20
N LEU C 160 22.93 35.67 -2.48
CA LEU C 160 23.12 35.02 -1.18
C LEU C 160 22.73 35.94 -0.02
N GLN C 161 22.37 37.17 -0.31
CA GLN C 161 22.12 38.13 0.75
C GLN C 161 20.71 37.89 1.32
N GLY C 162 20.65 37.63 2.62
CA GLY C 162 19.39 37.36 3.29
C GLY C 162 18.81 35.98 2.99
N MET C 163 19.63 35.09 2.45
CA MET C 163 19.18 33.73 2.17
C MET C 163 19.37 32.93 3.45
N GLU C 164 18.33 32.22 3.87
CA GLU C 164 18.43 31.41 5.07
C GLU C 164 19.11 30.10 4.69
N ILE C 165 20.23 29.81 5.33
CA ILE C 165 20.99 28.62 4.98
C ILE C 165 21.51 27.88 6.21
N ARG C 166 21.45 26.55 6.17
CA ARG C 166 21.95 25.74 7.27
C ARG C 166 23.45 25.67 7.27
N GLY C 167 24.03 25.93 8.42
CA GLY C 167 25.37 25.46 8.74
C GLY C 167 25.46 25.04 10.19
N ALA C 168 26.70 24.93 10.67
CA ALA C 168 26.98 24.70 12.09
C ALA C 168 28.32 25.29 12.45
N GLY C 169 28.49 25.60 13.73
CA GLY C 169 29.73 26.12 14.24
C GLY C 169 30.24 27.25 13.40
N THR C 170 31.53 27.21 13.13
CA THR C 170 32.18 28.28 12.45
C THR C 170 31.74 28.34 11.00
N LEU C 171 31.18 27.26 10.47
CA LEU C 171 30.65 27.30 9.09
C LEU C 171 29.46 28.31 8.98
N SER C 172 28.78 28.54 10.11
CA SER C 172 27.69 29.50 10.18
C SER C 172 28.23 30.92 10.28
N ALA C 173 29.28 31.09 11.08
CA ALA C 173 29.99 32.37 11.16
C ALA C 173 30.48 32.81 9.78
N ILE C 174 30.87 31.84 8.96
CA ILE C 174 31.33 32.10 7.61
C ILE C 174 30.16 32.57 6.75
N LEU C 175 29.06 31.81 6.77
CA LEU C 175 27.82 32.21 6.10
C LEU C 175 27.39 33.65 6.47
N GLU C 176 27.58 34.02 7.73
CA GLU C 176 27.27 35.35 8.23
C GLU C 176 28.12 36.41 7.53
N LYS C 177 29.43 36.22 7.57
CA LYS C 177 30.36 37.17 6.94
C LYS C 177 30.17 37.29 5.42
N LEU C 178 29.62 36.25 4.78
CA LEU C 178 29.31 36.30 3.36
C LEU C 178 27.96 36.97 3.09
N GLY C 179 27.16 37.17 4.13
CA GLY C 179 25.88 37.86 4.01
C GLY C 179 24.63 36.99 3.88
N ALA C 180 24.74 35.69 4.10
CA ALA C 180 23.56 34.84 4.20
C ALA C 180 23.09 34.92 5.64
N THR C 181 21.91 34.40 5.95
CA THR C 181 21.48 34.37 7.34
C THR C 181 21.49 32.93 7.83
N PRO C 182 22.50 32.60 8.64
CA PRO C 182 22.75 31.23 9.14
C PRO C 182 21.63 30.69 10.01
N VAL C 183 21.15 29.51 9.69
CA VAL C 183 20.43 28.66 10.64
C VAL C 183 21.37 27.52 11.08
N SER C 184 21.55 27.39 12.38
CA SER C 184 22.45 26.39 12.93
C SER C 184 21.69 25.21 13.47
N MET C 185 22.09 24.02 13.01
CA MET C 185 21.47 22.72 13.37
C MET C 185 22.31 21.51 12.90
N PRO C 186 22.29 20.40 13.68
CA PRO C 186 22.98 19.20 13.19
C PRO C 186 22.31 18.62 11.96
N MET C 187 22.95 17.69 11.27
CA MET C 187 22.49 17.23 9.94
C MET C 187 21.14 16.49 9.90
N PRO C 188 20.89 15.58 10.88
CA PRO C 188 19.60 14.89 10.78
C PRO C 188 18.41 15.85 10.67
N GLU C 189 18.55 17.10 11.09
CA GLU C 189 17.41 18.02 11.11
C GLU C 189 17.17 18.76 9.79
N VAL C 190 18.16 18.72 8.92
CA VAL C 190 18.16 19.56 7.73
C VAL C 190 17.02 19.23 6.75
N PRO C 191 16.76 17.95 6.51
CA PRO C 191 15.69 17.63 5.56
C PRO C 191 14.38 18.36 5.87
N GLU C 192 13.97 18.31 7.15
CA GLU C 192 12.71 18.88 7.63
C GLU C 192 12.68 20.40 7.49
N ALA C 193 13.79 21.04 7.87
CA ALA C 193 13.94 22.49 7.72
C ALA C 193 13.66 22.89 6.26
N VAL C 194 14.31 22.21 5.32
CA VAL C 194 14.12 22.49 3.91
C VAL C 194 12.67 22.32 3.49
N GLN C 195 12.06 21.22 3.92
CA GLN C 195 10.70 20.87 3.55
C GLN C 195 9.67 21.90 4.05
N LYS C 196 9.87 22.38 5.27
CA LYS C 196 8.93 23.31 5.90
C LYS C 196 9.23 24.78 5.52
N GLY C 197 10.44 25.04 5.04
CA GLY C 197 10.80 26.34 4.50
C GLY C 197 11.51 27.25 5.49
N ILE C 198 12.17 26.65 6.48
CA ILE C 198 12.94 27.38 7.50
C ILE C 198 14.31 27.78 6.95
N ILE C 199 14.76 27.01 5.99
CA ILE C 199 16.00 27.29 5.29
C ILE C 199 15.70 27.13 3.82
N LYS C 200 16.48 27.82 2.98
CA LYS C 200 16.35 27.73 1.53
C LYS C 200 17.57 27.01 0.94
N GLY C 201 18.48 26.56 1.82
CA GLY C 201 19.65 25.78 1.41
C GLY C 201 20.52 25.29 2.56
N LEU C 202 21.56 24.53 2.23
CA LEU C 202 22.52 24.05 3.22
C LEU C 202 23.96 24.22 2.75
N PHE C 203 24.86 24.32 3.70
CA PHE C 203 26.25 24.62 3.44
C PHE C 203 27.12 23.48 4.05
N THR C 204 27.50 22.52 3.21
CA THR C 204 28.29 21.36 3.65
C THR C 204 28.69 20.59 2.40
N SER C 205 29.24 19.38 2.56
CA SER C 205 29.75 18.62 1.42
C SER C 205 28.65 17.89 0.63
N LEU C 206 28.97 17.50 -0.60
CA LEU C 206 27.92 17.21 -1.60
C LEU C 206 27.41 15.79 -1.57
N ASP C 207 28.06 14.98 -0.72
CA ASP C 207 27.70 13.56 -0.52
C ASP C 207 26.23 13.38 -0.14
N VAL C 208 25.67 14.35 0.57
CA VAL C 208 24.30 14.26 1.01
C VAL C 208 23.30 14.56 -0.12
N MET C 209 23.79 15.04 -1.26
CA MET C 209 22.97 15.11 -2.47
C MET C 209 22.32 13.76 -2.74
N LYS C 210 23.10 12.69 -2.55
CA LYS C 210 22.64 11.32 -2.74
C LYS C 210 22.32 10.57 -1.45
N ASP C 211 23.10 10.80 -0.39
CA ASP C 211 22.99 9.93 0.82
C ASP C 211 21.81 10.28 1.68
N MET C 212 21.27 11.47 1.47
CA MET C 212 20.08 11.94 2.15
C MET C 212 19.13 12.56 1.16
N ASN C 213 19.34 12.20 -0.10
CA ASN C 213 18.45 12.65 -1.17
C ASN C 213 18.21 14.17 -1.25
N PHE C 214 19.21 15.00 -0.97
CA PHE C 214 19.02 16.44 -1.09
C PHE C 214 18.93 16.85 -2.55
N ALA C 215 19.41 16.01 -3.46
CA ALA C 215 19.25 16.23 -4.91
C ALA C 215 17.77 16.41 -5.35
N GLU C 216 16.84 16.18 -4.44
CA GLU C 216 15.42 16.28 -4.78
C GLU C 216 14.74 17.43 -4.08
N MET C 217 15.44 18.05 -3.15
CA MET C 217 14.91 19.22 -2.43
C MET C 217 15.71 20.46 -2.75
N THR C 218 16.99 20.28 -3.10
CA THR C 218 17.84 21.37 -3.57
C THR C 218 18.41 21.00 -4.94
N GLY C 219 17.98 21.71 -5.98
CA GLY C 219 18.34 21.38 -7.36
C GLY C 219 19.49 22.19 -7.94
N HIS C 220 20.02 23.08 -7.13
CA HIS C 220 21.09 23.96 -7.58
C HIS C 220 22.28 23.86 -6.63
N VAL C 221 23.45 23.65 -7.21
CA VAL C 221 24.66 23.66 -6.42
C VAL C 221 25.56 24.79 -6.93
N THR C 222 26.19 25.48 -6.00
CA THR C 222 27.20 26.47 -6.35
C THR C 222 28.51 26.19 -5.62
N ARG C 223 29.57 26.02 -6.38
CA ARG C 223 30.86 25.69 -5.79
C ARG C 223 31.34 26.85 -4.92
N ALA C 224 31.65 26.53 -3.67
CA ALA C 224 32.30 27.48 -2.77
C ALA C 224 33.73 27.04 -2.36
N ASP C 225 34.03 25.73 -2.45
CA ASP C 225 35.32 25.16 -2.02
C ASP C 225 35.63 25.67 -0.63
N GLN C 226 34.66 25.59 0.26
CA GLN C 226 34.86 26.23 1.54
C GLN C 226 35.30 25.26 2.61
N ALA C 227 35.48 25.77 3.81
CA ALA C 227 35.83 25.00 5.01
C ALA C 227 35.16 23.63 5.11
N VAL C 228 35.76 22.74 5.90
CA VAL C 228 35.21 21.40 6.13
C VAL C 228 34.73 21.22 7.56
N TYR C 229 33.92 20.19 7.76
CA TYR C 229 33.47 19.81 9.09
C TYR C 229 34.32 18.70 9.71
N PRO C 230 35.01 19.00 10.81
CA PRO C 230 35.80 17.97 11.48
C PRO C 230 34.98 17.06 12.40
N PHE C 231 35.38 15.80 12.46
CA PHE C 231 34.70 14.78 13.29
C PHE C 231 35.71 14.17 14.23
N ALA C 232 35.22 13.58 15.31
CA ALA C 232 36.01 12.74 16.18
C ALA C 232 35.28 11.42 16.50
N VAL C 233 36.05 10.33 16.57
CA VAL C 233 35.51 9.10 17.08
C VAL C 233 36.12 8.99 18.46
N ILE C 234 35.22 8.97 19.45
CA ILE C 234 35.58 9.05 20.87
C ILE C 234 35.09 7.87 21.70
N MET C 235 35.85 7.56 22.73
CA MET C 235 35.60 6.39 23.56
C MET C 235 35.54 6.76 25.05
N ASN C 236 34.58 6.19 25.76
CA ASN C 236 34.49 6.38 27.20
C ASN C 236 35.83 5.99 27.86
N ARG C 237 36.42 6.83 28.71
CA ARG C 237 37.76 6.55 29.25
C ARG C 237 37.83 5.17 29.89
N GLU C 238 36.85 4.88 30.74
CA GLU C 238 36.88 3.69 31.58
C GLU C 238 36.68 2.44 30.71
N ALA C 239 35.83 2.54 29.69
CA ALA C 239 35.68 1.44 28.74
C ALA C 239 36.98 1.15 28.01
N TRP C 240 37.65 2.18 27.49
CA TRP C 240 38.99 2.05 26.91
C TRP C 240 40.04 1.41 27.85
N GLU C 241 40.16 1.90 29.08
CA GLU C 241 41.18 1.41 30.03
C GLU C 241 41.00 -0.06 30.37
N ARG C 242 39.76 -0.52 30.22
CA ARG C 242 39.36 -1.89 30.48
C ARG C 242 39.76 -2.85 29.34
N LEU C 243 40.26 -2.33 28.22
CA LEU C 243 40.75 -3.17 27.12
C LEU C 243 42.17 -3.66 27.43
N SER C 244 42.55 -4.83 26.92
CA SER C 244 43.91 -5.33 27.12
C SER C 244 44.88 -4.52 26.27
N PRO C 245 46.15 -4.44 26.70
CA PRO C 245 47.21 -3.73 25.97
C PRO C 245 47.34 -4.12 24.48
N ASP C 246 47.20 -5.40 24.16
CA ASP C 246 47.20 -5.83 22.78
C ASP C 246 46.05 -5.18 21.99
N VAL C 247 44.84 -5.26 22.53
CA VAL C 247 43.67 -4.73 21.84
C VAL C 247 43.85 -3.23 21.63
N GLN C 248 44.25 -2.55 22.70
CA GLN C 248 44.59 -1.13 22.63
C GLN C 248 45.54 -0.86 21.49
N GLN C 249 46.58 -1.69 21.35
CA GLN C 249 47.56 -1.50 20.27
C GLN C 249 46.89 -1.61 18.91
N VAL C 250 45.94 -2.52 18.77
CA VAL C 250 45.18 -2.65 17.52
C VAL C 250 44.35 -1.39 17.18
N LEU C 251 43.62 -0.81 18.14
CA LEU C 251 42.77 0.34 17.87
C LEU C 251 43.63 1.56 17.54
N ASP C 252 44.76 1.69 18.22
CA ASP C 252 45.70 2.76 17.93
C ASP C 252 46.40 2.53 16.59
N GLY C 253 46.69 1.28 16.25
CA GLY C 253 47.32 0.97 14.99
C GLY C 253 46.44 1.25 13.80
N LEU C 254 45.16 1.36 14.04
CA LEU C 254 44.18 1.54 12.97
C LEU C 254 43.91 3.02 12.68
N ALA C 255 44.26 3.87 13.64
CA ALA C 255 43.79 5.25 13.71
C ALA C 255 44.06 6.13 12.46
N ALA C 256 45.32 6.27 12.08
CA ALA C 256 45.74 7.10 10.95
C ALA C 256 45.25 6.55 9.61
N GLU C 257 45.43 5.26 9.44
CA GLU C 257 44.93 4.53 8.29
C GLU C 257 43.44 4.75 8.05
N HIS C 258 42.63 4.78 9.12
CA HIS C 258 41.16 4.89 8.97
C HIS C 258 40.70 6.31 8.64
N ALA C 259 41.46 7.27 9.17
CA ALA C 259 41.32 8.69 8.85
C ALA C 259 41.48 8.90 7.35
N ALA C 260 42.59 8.45 6.79
CA ALA C 260 42.83 8.51 5.34
C ALA C 260 41.78 7.73 4.52
N TRP C 261 41.39 6.57 5.04
CA TRP C 261 40.39 5.70 4.39
C TRP C 261 38.98 6.35 4.29
N THR C 262 38.57 6.98 5.39
CA THR C 262 37.28 7.68 5.48
C THR C 262 37.32 8.80 4.48
N GLY C 263 38.30 9.70 4.58
CA GLY C 263 38.37 10.82 3.65
C GLY C 263 38.44 10.38 2.20
N ARG C 264 39.13 9.28 1.91
CA ARG C 264 39.32 8.81 0.54
C ARG C 264 38.04 8.17 0.08
N TYR C 265 37.39 7.42 0.95
CA TYR C 265 36.06 6.96 0.62
C TYR C 265 35.17 8.16 0.18
N LEU C 266 35.29 9.27 0.89
CA LEU C 266 34.36 10.40 0.70
C LEU C 266 34.68 11.21 -0.54
N ASP C 267 35.94 11.26 -0.94
CA ASP C 267 36.26 12.00 -2.17
C ASP C 267 35.71 11.24 -3.38
N ALA C 268 35.87 9.92 -3.37
CA ALA C 268 35.30 9.09 -4.40
C ALA C 268 33.75 9.16 -4.40
N HIS C 269 33.13 9.10 -3.22
CA HIS C 269 31.66 9.13 -3.07
C HIS C 269 30.97 10.45 -3.44
N VAL C 270 31.65 11.57 -3.25
CA VAL C 270 31.15 12.88 -3.71
C VAL C 270 31.08 12.91 -5.26
N GLN C 271 32.13 12.44 -5.91
CA GLN C 271 32.09 12.28 -7.35
C GLN C 271 30.85 11.46 -7.69
N ASP C 272 30.69 10.31 -7.03
CA ASP C 272 29.59 9.37 -7.28
C ASP C 272 28.23 9.96 -6.97
N SER C 273 28.16 10.72 -5.88
CA SER C 273 26.90 11.34 -5.48
C SER C 273 26.46 12.41 -6.46
N MET C 274 27.43 13.07 -7.07
CA MET C 274 27.13 14.22 -7.92
C MET C 274 26.86 13.83 -9.39
N ARG C 275 27.52 12.78 -9.88
CA ARG C 275 27.28 12.32 -11.24
C ARG C 275 25.96 11.61 -11.25
N TRP C 276 25.45 11.34 -10.05
CA TRP C 276 24.12 10.79 -9.89
C TRP C 276 23.10 11.94 -9.82
N ALA C 277 23.38 12.98 -9.07
CA ALA C 277 22.44 14.09 -8.92
C ALA C 277 22.23 14.78 -10.25
N GLU C 278 23.33 14.94 -10.98
CA GLU C 278 23.29 15.67 -12.23
C GLU C 278 22.58 14.90 -13.34
N GLU C 279 22.79 13.59 -13.40
CA GLU C 279 22.24 12.80 -14.50
C GLU C 279 21.16 11.81 -14.05
N LYS C 280 20.61 12.02 -12.86
CA LYS C 280 19.42 11.29 -12.45
C LYS C 280 18.35 12.26 -11.91
N HIS C 281 18.73 13.50 -11.57
CA HIS C 281 17.76 14.51 -11.13
C HIS C 281 18.03 15.89 -11.73
N GLY C 282 18.83 15.90 -12.78
CA GLY C 282 19.18 17.09 -13.51
C GLY C 282 19.54 18.30 -12.67
N VAL C 283 20.37 18.12 -11.64
CA VAL C 283 20.75 19.27 -10.82
C VAL C 283 21.69 20.19 -11.59
N GLN C 284 21.60 21.47 -11.29
CA GLN C 284 22.38 22.47 -11.98
C GLN C 284 23.55 22.89 -11.09
N VAL C 285 24.73 22.96 -11.69
CA VAL C 285 25.91 23.41 -10.97
C VAL C 285 26.28 24.81 -11.44
N HIS C 286 26.79 25.64 -10.54
CA HIS C 286 27.18 27.00 -10.88
C HIS C 286 28.59 27.40 -10.35
N THR C 287 29.20 28.39 -10.99
CA THR C 287 30.48 28.95 -10.54
C THR C 287 30.37 30.45 -10.28
N LEU C 288 30.89 30.89 -9.14
CA LEU C 288 30.86 32.29 -8.78
C LEU C 288 31.97 33.09 -9.51
N PRO C 289 31.67 34.36 -9.88
CA PRO C 289 32.68 35.22 -10.49
C PRO C 289 33.93 35.20 -9.64
N GLU C 290 35.08 35.42 -10.23
CA GLU C 290 36.32 35.28 -9.48
C GLU C 290 36.50 36.42 -8.47
N GLU C 291 35.97 37.58 -8.82
CA GLU C 291 36.01 38.69 -7.89
C GLU C 291 35.12 38.37 -6.68
N ASP C 292 33.99 37.70 -6.93
CA ASP C 292 33.12 37.28 -5.84
C ASP C 292 33.79 36.16 -5.01
N ILE C 293 34.66 35.36 -5.64
CA ILE C 293 35.42 34.34 -4.91
C ILE C 293 36.47 34.99 -4.00
N ALA C 294 36.92 36.19 -4.36
CA ALA C 294 38.00 36.85 -3.63
C ALA C 294 37.44 37.83 -2.61
N ALA C 295 36.25 38.33 -2.87
CA ALA C 295 35.47 38.97 -1.82
C ALA C 295 35.00 37.94 -0.77
N MET C 296 34.85 36.68 -1.16
CA MET C 296 34.60 35.58 -0.23
C MET C 296 35.68 35.59 0.87
N ARG C 297 36.93 35.44 0.46
CA ARG C 297 38.02 35.26 1.42
C ARG C 297 38.28 36.49 2.30
N ARG C 298 38.22 37.70 1.71
CA ARG C 298 38.48 38.91 2.49
C ARG C 298 37.39 39.08 3.56
N SER C 299 36.20 38.58 3.26
CA SER C 299 35.07 38.67 4.19
C SER C 299 35.30 37.80 5.40
N VAL C 300 35.95 36.65 5.20
CA VAL C 300 36.12 35.67 6.30
C VAL C 300 37.42 35.79 7.09
N GLN C 301 38.38 36.60 6.65
CA GLN C 301 39.70 36.71 7.34
C GLN C 301 39.61 36.89 8.85
N PRO C 302 38.76 37.83 9.33
CA PRO C 302 38.67 38.04 10.78
C PRO C 302 38.40 36.76 11.58
N LEU C 303 37.72 35.77 10.98
CA LEU C 303 37.38 34.53 11.68
C LEU C 303 38.64 33.89 12.26
N PHE C 304 39.74 33.97 11.52
CA PHE C 304 41.06 33.50 11.97
C PHE C 304 41.53 34.19 13.25
N ASP C 305 41.40 35.50 13.31
CA ASP C 305 41.68 36.25 14.51
C ASP C 305 40.81 35.82 15.65
N ALA C 306 39.51 35.70 15.37
CA ALA C 306 38.51 35.36 16.38
C ALA C 306 38.81 33.98 16.90
N TRP C 307 39.17 33.05 16.02
CA TRP C 307 39.60 31.73 16.46
C TRP C 307 40.82 31.82 17.37
N ALA C 308 41.84 32.50 16.86
CA ALA C 308 43.08 32.70 17.58
C ALA C 308 42.94 33.33 18.97
N GLN C 309 42.01 34.29 19.11
CA GLN C 309 41.87 34.97 20.40
C GLN C 309 41.08 34.10 21.40
N ARG C 310 40.12 33.32 20.92
CA ARG C 310 39.48 32.28 21.76
C ARG C 310 40.48 31.20 22.18
N ALA C 311 41.33 30.77 21.25
CA ALA C 311 42.25 29.68 21.55
C ALA C 311 43.29 30.10 22.60
N ALA C 312 43.78 31.33 22.51
CA ALA C 312 44.78 31.80 23.45
C ALA C 312 44.13 32.08 24.81
N ASP C 313 42.87 32.55 24.79
CA ASP C 313 42.10 32.75 26.03
C ASP C 313 42.15 31.48 26.86
N LYS C 314 42.12 30.33 26.18
CA LYS C 314 42.05 29.02 26.82
C LYS C 314 43.39 28.34 27.02
N GLY C 315 44.48 29.10 26.94
CA GLY C 315 45.81 28.60 27.26
C GLY C 315 46.66 28.05 26.12
N ALA C 316 46.12 27.99 24.90
CA ALA C 316 46.86 27.38 23.78
C ALA C 316 47.66 28.39 22.97
N ASP C 317 48.43 27.90 22.00
CA ASP C 317 49.29 28.74 21.17
C ASP C 317 48.90 28.74 19.68
N PRO C 318 48.01 29.66 19.28
CA PRO C 318 47.37 29.60 17.96
C PRO C 318 48.31 29.79 16.74
N ASP C 319 49.42 30.52 16.89
CA ASP C 319 50.36 30.73 15.78
C ASP C 319 51.29 29.51 15.56
N ALA C 320 51.68 28.86 16.64
CA ALA C 320 52.35 27.57 16.53
C ALA C 320 51.39 26.54 15.90
N VAL C 321 50.14 26.50 16.37
CA VAL C 321 49.14 25.56 15.84
C VAL C 321 48.88 25.80 14.36
N MET C 322 48.73 27.06 13.98
CA MET C 322 48.45 27.33 12.57
C MET C 322 49.71 27.08 11.71
N ARG C 323 50.90 27.28 12.29
CA ARG C 323 52.12 26.87 11.60
C ARG C 323 52.18 25.35 11.38
N THR C 324 51.74 24.58 12.38
CA THR C 324 51.75 23.14 12.30
C THR C 324 50.74 22.64 11.24
N VAL C 325 49.57 23.28 11.20
CA VAL C 325 48.61 23.06 10.12
C VAL C 325 49.19 23.37 8.71
N ASP C 326 49.87 24.51 8.53
CA ASP C 326 50.41 24.87 7.23
C ASP C 326 51.50 23.85 6.80
N ALA C 327 52.33 23.44 7.77
CA ALA C 327 53.41 22.46 7.50
C ALA C 327 52.84 21.08 7.15
N LEU C 328 51.91 20.58 7.98
CA LEU C 328 51.27 19.28 7.73
C LEU C 328 50.50 19.29 6.43
N LYS C 329 49.74 20.35 6.17
CA LYS C 329 49.05 20.48 4.90
C LYS C 329 50.05 20.26 3.75
N ALA C 330 51.20 20.93 3.75
CA ALA C 330 52.14 20.78 2.63
C ALA C 330 52.72 19.35 2.60
N GLN C 331 53.16 18.86 3.74
CA GLN C 331 53.70 17.52 3.75
C GLN C 331 52.74 16.46 3.18
N TYR C 332 51.43 16.60 3.44
CA TYR C 332 50.43 15.60 3.04
C TYR C 332 49.70 15.92 1.75
N GLY C 333 50.26 16.79 0.93
CA GLY C 333 49.65 17.10 -0.36
C GLY C 333 48.36 17.94 -0.28
N GLY C 334 48.05 18.46 0.91
CA GLY C 334 46.92 19.35 1.07
C GLY C 334 46.83 20.48 0.06
N PRO D 25 -34.27 -31.52 12.61
CA PRO D 25 -34.84 -30.84 11.45
C PRO D 25 -35.86 -29.78 11.80
N VAL D 26 -35.66 -28.55 11.35
CA VAL D 26 -36.58 -27.47 11.68
C VAL D 26 -37.39 -26.99 10.46
N THR D 27 -38.64 -26.62 10.74
CA THR D 27 -39.45 -25.88 9.81
C THR D 27 -39.51 -24.41 10.28
N LEU D 28 -39.46 -23.49 9.32
CA LEU D 28 -39.46 -22.04 9.57
C LEU D 28 -40.59 -21.37 8.76
N ASN D 29 -41.40 -20.57 9.43
CA ASN D 29 -42.48 -19.82 8.78
C ASN D 29 -42.03 -18.46 8.19
N TYR D 30 -42.15 -18.36 6.87
CA TYR D 30 -41.73 -17.21 6.09
C TYR D 30 -42.97 -16.49 5.68
N ALA D 31 -43.15 -15.25 6.14
CA ALA D 31 -44.35 -14.51 5.80
C ALA D 31 -44.07 -13.51 4.73
N ASN D 32 -45.02 -13.31 3.82
CA ASN D 32 -44.95 -12.24 2.85
C ASN D 32 -46.31 -11.49 2.67
N PHE D 33 -46.23 -10.36 1.95
CA PHE D 33 -47.39 -9.46 1.84
C PHE D 33 -48.15 -9.48 0.49
N PRO D 34 -47.45 -9.41 -0.67
CA PRO D 34 -48.13 -9.34 -1.96
C PRO D 34 -48.49 -10.71 -2.49
N PRO D 35 -49.18 -10.76 -3.64
CA PRO D 35 -49.64 -12.07 -4.13
C PRO D 35 -48.47 -12.93 -4.57
N ALA D 36 -48.68 -14.23 -4.71
CA ALA D 36 -47.60 -15.17 -4.88
C ALA D 36 -46.95 -15.04 -6.25
N SER D 37 -47.65 -14.44 -7.19
CA SER D 37 -47.11 -14.28 -8.52
C SER D 37 -46.16 -13.09 -8.61
N THR D 38 -46.09 -12.24 -7.57
CA THR D 38 -45.27 -11.00 -7.62
C THR D 38 -43.86 -11.31 -7.14
N PHE D 39 -42.94 -10.42 -7.45
CA PHE D 39 -41.51 -10.79 -7.39
C PHE D 39 -41.00 -11.04 -5.93
N PRO D 40 -41.57 -10.32 -4.92
CA PRO D 40 -41.16 -10.65 -3.54
C PRO D 40 -41.49 -12.08 -3.12
N CYS D 41 -42.53 -12.66 -3.72
CA CYS D 41 -42.91 -13.99 -3.37
C CYS D 41 -42.15 -15.06 -4.23
N ILE D 42 -42.01 -14.86 -5.54
CA ILE D 42 -41.13 -15.67 -6.38
C ILE D 42 -39.76 -15.91 -5.70
N GLN D 43 -39.16 -14.82 -5.22
CA GLN D 43 -37.80 -14.86 -4.66
C GLN D 43 -37.83 -15.60 -3.35
N MET D 44 -38.90 -15.44 -2.58
CA MET D 44 -39.09 -16.23 -1.38
C MET D 44 -39.14 -17.74 -1.71
N GLU D 45 -39.82 -18.15 -2.76
CA GLU D 45 -39.90 -19.58 -2.99
C GLU D 45 -38.54 -20.19 -3.41
N GLN D 46 -37.85 -19.44 -4.27
CA GLN D 46 -36.50 -19.75 -4.71
C GLN D 46 -35.59 -19.87 -3.52
N TRP D 47 -35.75 -18.97 -2.57
CA TRP D 47 -34.85 -18.93 -1.41
C TRP D 47 -35.02 -20.17 -0.51
N ALA D 48 -36.29 -20.54 -0.33
CA ALA D 48 -36.70 -21.76 0.40
C ALA D 48 -36.27 -23.01 -0.32
N HIS D 49 -36.41 -23.04 -1.63
CA HIS D 49 -35.92 -24.16 -2.41
C HIS D 49 -34.41 -24.35 -2.16
N GLU D 50 -33.65 -23.25 -2.15
CA GLU D 50 -32.21 -23.37 -1.91
C GLU D 50 -31.88 -23.71 -0.47
N VAL D 51 -32.62 -23.18 0.48
CA VAL D 51 -32.44 -23.58 1.86
C VAL D 51 -32.64 -25.11 2.00
N ARG D 52 -33.66 -25.63 1.34
CA ARG D 52 -33.99 -27.05 1.44
C ARG D 52 -32.89 -27.90 0.80
N THR D 53 -32.47 -27.50 -0.39
CA THR D 53 -31.36 -28.14 -1.11
C THR D 53 -30.04 -28.16 -0.31
N ARG D 54 -29.58 -26.99 0.15
CA ARG D 54 -28.24 -26.92 0.74
C ARG D 54 -28.19 -27.45 2.16
N THR D 55 -29.34 -27.58 2.80
CA THR D 55 -29.33 -28.25 4.06
C THR D 55 -29.72 -29.68 3.91
N ARG D 56 -29.83 -30.16 2.67
CA ARG D 56 -30.20 -31.58 2.43
C ARG D 56 -31.51 -31.98 3.15
N GLY D 57 -32.51 -31.12 3.08
CA GLY D 57 -33.82 -31.36 3.69
C GLY D 57 -33.87 -31.12 5.20
N LYS D 58 -32.76 -30.74 5.80
CA LYS D 58 -32.68 -30.69 7.26
C LYS D 58 -33.45 -29.46 7.73
N VAL D 59 -33.43 -28.38 6.93
CA VAL D 59 -34.31 -27.23 7.15
C VAL D 59 -35.40 -27.07 6.08
N ASP D 60 -36.61 -26.78 6.55
CA ASP D 60 -37.77 -26.53 5.70
C ASP D 60 -38.41 -25.16 5.97
N VAL D 61 -39.07 -24.61 4.96
CA VAL D 61 -39.73 -23.34 5.08
C VAL D 61 -41.18 -23.49 4.63
N LEU D 62 -42.11 -23.14 5.51
CA LEU D 62 -43.50 -22.96 5.12
C LEU D 62 -43.71 -21.46 4.78
N THR D 63 -44.13 -21.19 3.54
CA THR D 63 -44.27 -19.86 3.08
C THR D 63 -45.72 -19.47 3.21
N TYR D 64 -45.96 -18.14 3.36
CA TYR D 64 -47.32 -17.56 3.46
C TYR D 64 -47.46 -16.27 2.64
N PRO D 65 -47.50 -16.36 1.32
CA PRO D 65 -47.77 -15.18 0.48
C PRO D 65 -49.12 -14.52 0.77
N GLY D 66 -49.29 -13.31 0.21
CA GLY D 66 -50.54 -12.57 0.29
C GLY D 66 -50.98 -12.13 1.68
N GLY D 67 -50.03 -12.05 2.62
CA GLY D 67 -50.30 -11.48 3.93
C GLY D 67 -51.25 -12.25 4.83
N THR D 68 -51.32 -13.58 4.67
CA THR D 68 -52.12 -14.48 5.50
C THR D 68 -51.54 -14.72 6.91
N LEU D 69 -50.23 -14.70 7.06
CA LEU D 69 -49.62 -14.66 8.37
C LEU D 69 -49.47 -13.22 8.88
N LEU D 70 -48.62 -12.46 8.19
CA LEU D 70 -48.43 -11.01 8.43
C LEU D 70 -48.60 -10.23 7.13
N GLY D 71 -49.12 -8.99 7.26
CA GLY D 71 -49.23 -8.00 6.17
C GLY D 71 -48.02 -7.06 5.93
N ALA D 72 -48.06 -6.30 4.86
CA ALA D 72 -47.06 -5.24 4.63
C ALA D 72 -46.74 -4.35 5.86
N ARG D 73 -47.76 -3.89 6.58
CA ARG D 73 -47.54 -2.90 7.65
C ARG D 73 -47.16 -3.44 9.04
N ASN D 74 -47.55 -4.68 9.37
CA ASN D 74 -47.08 -5.25 10.62
C ASN D 74 -46.01 -6.36 10.44
N MET D 75 -45.46 -6.49 9.23
CA MET D 75 -44.33 -7.40 8.95
C MET D 75 -43.17 -7.19 9.96
N LEU D 76 -42.70 -5.96 10.13
CA LEU D 76 -41.54 -5.70 10.98
C LEU D 76 -41.77 -6.13 12.43
N ARG D 77 -42.84 -5.64 13.02
CA ARG D 77 -43.06 -5.88 14.45
C ARG D 77 -43.45 -7.34 14.74
N GLY D 78 -44.13 -7.96 13.78
CA GLY D 78 -44.54 -9.34 13.85
C GLY D 78 -43.42 -10.38 13.70
N VAL D 79 -42.43 -10.07 12.89
CA VAL D 79 -41.24 -10.90 12.86
C VAL D 79 -40.46 -10.75 14.19
N MET D 80 -40.33 -9.52 14.69
CA MET D 80 -39.60 -9.29 15.95
C MET D 80 -40.31 -9.90 17.17
N SER D 81 -41.64 -10.04 17.08
CA SER D 81 -42.45 -10.54 18.18
C SER D 81 -42.51 -12.05 18.16
N GLY D 82 -42.07 -12.62 17.04
CA GLY D 82 -41.88 -14.05 16.86
C GLY D 82 -43.06 -14.65 16.12
N GLN D 83 -43.95 -13.81 15.63
CA GLN D 83 -45.19 -14.31 15.06
C GLN D 83 -44.93 -14.99 13.74
N ALA D 84 -43.94 -14.48 13.03
CA ALA D 84 -43.30 -15.23 11.97
C ALA D 84 -41.81 -15.35 12.34
N ASP D 85 -41.15 -16.39 11.84
CA ASP D 85 -39.71 -16.55 11.95
C ASP D 85 -38.93 -15.66 10.94
N ILE D 86 -39.51 -15.50 9.77
CA ILE D 86 -38.86 -14.81 8.68
C ILE D 86 -39.98 -13.99 8.04
N GLY D 87 -39.61 -12.87 7.45
CA GLY D 87 -40.53 -12.07 6.68
C GLY D 87 -39.78 -11.23 5.65
N CYS D 88 -40.56 -10.57 4.80
CA CYS D 88 -40.03 -9.66 3.80
C CYS D 88 -40.63 -8.23 3.93
N ILE D 89 -39.76 -7.24 4.13
CA ILE D 89 -40.23 -5.89 4.29
C ILE D 89 -39.77 -5.03 3.13
N SER D 90 -40.62 -4.07 2.77
CA SER D 90 -40.18 -2.99 1.87
C SER D 90 -39.79 -1.79 2.75
N LEU D 91 -38.52 -1.41 2.76
CA LEU D 91 -38.08 -0.30 3.65
C LEU D 91 -38.84 1.01 3.42
N ALA D 92 -39.21 1.30 2.17
CA ALA D 92 -40.05 2.44 1.83
C ALA D 92 -41.37 2.56 2.63
N TYR D 93 -41.91 1.44 3.07
CA TYR D 93 -43.16 1.47 3.81
C TYR D 93 -42.95 1.90 5.26
N HIS D 94 -41.71 2.16 5.69
CA HIS D 94 -41.49 2.54 7.10
C HIS D 94 -40.68 3.81 7.27
N PRO D 95 -41.35 4.97 7.15
CA PRO D 95 -40.67 6.27 7.19
C PRO D 95 -39.93 6.44 8.51
N GLY D 96 -38.72 7.00 8.42
CA GLY D 96 -37.90 7.32 9.58
C GLY D 96 -37.21 6.15 10.24
N VAL D 97 -37.60 4.94 9.89
CA VAL D 97 -37.13 3.77 10.61
C VAL D 97 -35.77 3.32 10.13
N PHE D 98 -35.48 3.51 8.85
CA PHE D 98 -34.17 3.12 8.26
C PHE D 98 -33.42 4.28 7.64
N PRO D 99 -32.79 5.15 8.49
CA PRO D 99 -32.19 6.39 7.99
C PRO D 99 -31.05 6.13 7.03
N VAL D 100 -30.17 5.19 7.35
CA VAL D 100 -29.04 4.88 6.47
C VAL D 100 -29.44 4.17 5.17
N MET D 101 -29.97 2.97 5.30
CA MET D 101 -30.39 2.19 4.16
C MET D 101 -31.44 2.87 3.26
N SER D 102 -32.22 3.82 3.79
CA SER D 102 -33.09 4.56 2.90
C SER D 102 -32.31 5.33 1.80
N VAL D 103 -30.98 5.39 1.87
CA VAL D 103 -30.23 6.02 0.79
C VAL D 103 -30.66 5.39 -0.53
N PHE D 104 -31.05 4.13 -0.44
CA PHE D 104 -31.42 3.36 -1.63
C PHE D 104 -32.80 3.70 -2.20
N GLU D 105 -33.58 4.53 -1.52
CA GLU D 105 -34.81 5.08 -2.14
C GLU D 105 -34.53 6.41 -2.88
N LEU D 106 -33.30 6.93 -2.84
CA LEU D 106 -32.89 8.11 -3.66
C LEU D 106 -32.63 7.77 -5.14
N PRO D 107 -32.73 8.77 -6.02
CA PRO D 107 -32.44 8.49 -7.42
C PRO D 107 -30.93 8.32 -7.62
N LEU D 108 -30.47 7.07 -7.66
CA LEU D 108 -29.04 6.80 -7.62
C LEU D 108 -28.53 6.47 -9.02
N GLY D 109 -29.41 6.29 -10.00
CA GLY D 109 -29.00 6.06 -11.39
C GLY D 109 -28.86 4.59 -11.77
N PHE D 110 -29.28 3.74 -10.85
CA PHE D 110 -29.33 2.34 -11.12
C PHE D 110 -30.33 2.08 -12.26
N THR D 111 -29.94 1.22 -13.22
CA THR D 111 -30.77 0.90 -14.37
C THR D 111 -31.15 -0.58 -14.37
N SER D 112 -30.52 -1.42 -13.56
CA SER D 112 -31.04 -2.77 -13.41
C SER D 112 -31.21 -3.15 -11.94
N ALA D 113 -32.15 -4.06 -11.70
CA ALA D 113 -32.46 -4.63 -10.38
C ALA D 113 -31.30 -5.43 -9.84
N GLU D 114 -30.59 -6.07 -10.77
CA GLU D 114 -29.50 -6.97 -10.44
C GLU D 114 -28.26 -6.21 -9.92
N ALA D 115 -27.91 -5.12 -10.57
CA ALA D 115 -26.85 -4.24 -10.09
C ALA D 115 -27.30 -3.58 -8.80
N ALA D 116 -28.54 -3.12 -8.76
CA ALA D 116 -29.01 -2.52 -7.54
C ALA D 116 -29.08 -3.51 -6.36
N SER D 117 -29.43 -4.78 -6.61
CA SER D 117 -29.66 -5.67 -5.48
C SER D 117 -28.32 -6.02 -4.84
N SER D 118 -27.31 -6.17 -5.69
CA SER D 118 -26.05 -6.63 -5.23
C SER D 118 -25.35 -5.57 -4.43
N VAL D 119 -25.33 -4.34 -4.96
CA VAL D 119 -24.75 -3.22 -4.23
C VAL D 119 -25.49 -3.01 -2.91
N LEU D 120 -26.83 -3.09 -2.93
CA LEU D 120 -27.58 -2.92 -1.70
C LEU D 120 -27.07 -3.88 -0.63
N TRP D 121 -26.93 -5.17 -1.00
CA TRP D 121 -26.44 -6.16 -0.05
C TRP D 121 -24.98 -5.95 0.39
N GLU D 122 -24.11 -5.51 -0.53
CA GLU D 122 -22.72 -5.25 -0.17
C GLU D 122 -22.60 -4.01 0.70
N LEU D 123 -23.44 -3.00 0.47
CA LEU D 123 -23.43 -1.80 1.34
C LEU D 123 -23.76 -2.19 2.77
N TYR D 124 -24.86 -2.92 2.91
CA TYR D 124 -25.32 -3.36 4.23
C TYR D 124 -24.40 -4.35 4.89
N SER D 125 -23.90 -5.35 4.16
CA SER D 125 -22.92 -6.27 4.73
C SER D 125 -21.72 -5.53 5.28
N GLY D 126 -21.22 -4.58 4.53
CA GLY D 126 -20.06 -3.83 4.94
C GLY D 126 -20.32 -2.78 5.99
N LEU D 127 -21.58 -2.43 6.23
CA LEU D 127 -21.89 -1.30 7.06
C LEU D 127 -22.66 -1.67 8.34
N ARG D 128 -23.55 -2.67 8.23
CA ARG D 128 -24.31 -3.20 9.38
C ARG D 128 -24.74 -2.10 10.38
N PRO D 129 -25.65 -1.20 9.96
CA PRO D 129 -26.22 -0.08 10.74
C PRO D 129 -27.20 -0.52 11.82
N ALA D 130 -27.30 0.25 12.89
CA ALA D 130 -28.08 -0.13 14.08
C ALA D 130 -29.57 -0.15 13.85
N GLU D 131 -30.03 0.59 12.86
CA GLU D 131 -31.45 0.56 12.52
C GLU D 131 -31.97 -0.89 12.32
N LEU D 132 -31.08 -1.81 11.93
CA LEU D 132 -31.45 -3.20 11.63
C LEU D 132 -30.87 -4.26 12.63
N GLU D 133 -30.23 -3.78 13.69
CA GLU D 133 -29.61 -4.63 14.71
C GLU D 133 -30.51 -5.62 15.41
N ARG D 134 -31.79 -5.26 15.56
CA ARG D 134 -32.73 -6.05 16.35
C ARG D 134 -33.33 -7.24 15.60
N VAL D 135 -32.97 -7.40 14.34
CA VAL D 135 -33.37 -8.58 13.58
C VAL D 135 -32.11 -9.19 12.99
N LYS D 136 -32.20 -10.45 12.54
CA LYS D 136 -31.25 -10.97 11.59
C LYS D 136 -31.70 -10.64 10.15
N VAL D 137 -30.82 -10.05 9.37
CA VAL D 137 -31.03 -9.79 7.94
C VAL D 137 -30.40 -10.89 7.01
N LEU D 138 -31.24 -11.71 6.38
CA LEU D 138 -30.81 -12.89 5.66
C LEU D 138 -30.29 -12.47 4.33
N THR D 139 -30.95 -11.50 3.73
CA THR D 139 -30.55 -11.01 2.40
C THR D 139 -31.32 -9.75 2.08
N MET D 140 -30.99 -9.10 0.97
CA MET D 140 -31.69 -7.85 0.55
C MET D 140 -31.80 -7.78 -0.97
N PHE D 141 -32.77 -7.03 -1.45
CA PHE D 141 -32.88 -6.86 -2.85
C PHE D 141 -33.69 -5.63 -3.15
N THR D 142 -33.78 -5.29 -4.43
CA THR D 142 -34.55 -4.12 -4.85
C THR D 142 -35.44 -4.47 -6.03
N SER D 143 -36.45 -3.63 -6.19
CA SER D 143 -37.26 -3.54 -7.40
C SER D 143 -36.36 -3.05 -8.54
N ALA D 144 -36.87 -3.13 -9.76
CA ALA D 144 -36.24 -2.47 -10.90
C ALA D 144 -36.53 -0.96 -10.87
N PRO D 145 -35.94 -0.18 -11.81
CA PRO D 145 -36.17 1.26 -11.81
C PRO D 145 -37.63 1.62 -11.93
N SER D 146 -38.08 2.65 -11.23
CA SER D 146 -39.46 3.06 -11.27
C SER D 146 -39.78 3.86 -12.50
N HIS D 147 -40.99 3.65 -13.01
CA HIS D 147 -41.55 4.43 -14.10
C HIS D 147 -43.01 4.75 -13.77
N PHE D 148 -43.68 5.49 -14.65
CA PHE D 148 -45.10 5.84 -14.42
C PHE D 148 -46.04 4.91 -15.16
N MET D 149 -47.00 4.39 -14.43
CA MET D 149 -48.12 3.64 -14.98
C MET D 149 -49.34 4.51 -14.72
N THR D 150 -50.02 4.93 -15.78
CA THR D 150 -51.13 5.87 -15.62
C THR D 150 -52.37 5.52 -16.46
N VAL D 151 -53.52 5.91 -15.95
CA VAL D 151 -54.80 5.70 -16.62
C VAL D 151 -54.92 6.50 -17.92
N THR D 152 -54.37 7.72 -17.90
CA THR D 152 -54.31 8.61 -19.06
C THR D 152 -52.86 8.94 -19.38
N PRO D 153 -52.61 9.42 -20.61
CA PRO D 153 -51.27 9.65 -21.15
C PRO D 153 -50.51 10.78 -20.48
N VAL D 154 -49.28 10.50 -20.09
CA VAL D 154 -48.38 11.52 -19.59
C VAL D 154 -47.24 11.67 -20.61
N ARG D 155 -47.20 12.81 -21.31
CA ARG D 155 -46.10 13.03 -22.25
C ARG D 155 -45.23 14.23 -21.89
N SER D 156 -45.50 14.85 -20.74
CA SER D 156 -44.64 15.88 -20.20
C SER D 156 -44.77 15.99 -18.69
N LEU D 157 -43.78 16.61 -18.05
CA LEU D 157 -43.87 16.91 -16.63
C LEU D 157 -45.10 17.78 -16.39
N ARG D 158 -45.60 18.43 -17.44
CA ARG D 158 -46.77 19.27 -17.32
C ARG D 158 -48.06 18.47 -17.08
N ASP D 159 -48.21 17.35 -17.78
CA ASP D 159 -49.40 16.51 -17.61
C ASP D 159 -49.46 15.91 -16.21
N LEU D 160 -48.32 15.91 -15.54
CA LEU D 160 -48.16 15.25 -14.26
C LEU D 160 -48.60 16.15 -13.10
N GLN D 161 -48.75 17.45 -13.36
CA GLN D 161 -48.95 18.41 -12.30
C GLN D 161 -50.37 18.24 -11.76
N GLY D 162 -50.47 17.94 -10.47
CA GLY D 162 -51.77 17.79 -9.81
C GLY D 162 -52.34 16.38 -9.81
N MET D 163 -51.60 15.45 -10.43
CA MET D 163 -52.09 14.09 -10.64
C MET D 163 -51.91 13.28 -9.37
N GLU D 164 -52.94 12.55 -8.95
CA GLU D 164 -52.77 11.59 -7.87
C GLU D 164 -52.00 10.36 -8.39
N ILE D 165 -50.76 10.20 -7.93
CA ILE D 165 -49.94 9.05 -8.26
C ILE D 165 -49.52 8.32 -6.97
N ARG D 166 -49.52 6.99 -6.98
CA ARG D 166 -49.08 6.26 -5.80
C ARG D 166 -47.57 6.11 -5.75
N GLY D 167 -47.04 6.26 -4.54
CA GLY D 167 -45.66 5.91 -4.24
C GLY D 167 -45.60 5.50 -2.77
N ALA D 168 -44.37 5.43 -2.22
CA ALA D 168 -44.16 5.20 -0.80
C ALA D 168 -42.81 5.74 -0.45
N GLY D 169 -42.57 6.01 0.82
CA GLY D 169 -41.28 6.51 1.25
C GLY D 169 -40.80 7.65 0.38
N THR D 170 -39.52 7.59 0.03
CA THR D 170 -38.88 8.70 -0.64
C THR D 170 -39.31 8.80 -2.08
N LEU D 171 -39.87 7.72 -2.61
CA LEU D 171 -40.40 7.75 -3.96
C LEU D 171 -41.58 8.77 -4.03
N SER D 172 -42.34 8.86 -2.93
CA SER D 172 -43.45 9.83 -2.82
C SER D 172 -42.92 11.25 -2.67
N ALA D 173 -41.82 11.41 -1.92
CA ALA D 173 -41.11 12.69 -1.87
C ALA D 173 -40.65 13.08 -3.28
N ILE D 174 -40.21 12.11 -4.09
CA ILE D 174 -39.80 12.43 -5.45
C ILE D 174 -40.97 12.95 -6.27
N LEU D 175 -42.07 12.19 -6.32
CA LEU D 175 -43.28 12.61 -7.02
C LEU D 175 -43.69 14.02 -6.62
N GLU D 176 -43.40 14.42 -5.38
CA GLU D 176 -43.84 15.72 -4.93
C GLU D 176 -42.95 16.76 -5.58
N LYS D 177 -41.64 16.51 -5.58
CA LYS D 177 -40.68 17.46 -6.13
C LYS D 177 -40.95 17.70 -7.61
N LEU D 178 -41.44 16.65 -8.28
CA LEU D 178 -41.75 16.72 -9.68
C LEU D 178 -43.09 17.37 -9.96
N GLY D 179 -43.89 17.62 -8.92
CA GLY D 179 -45.16 18.33 -9.08
C GLY D 179 -46.43 17.48 -9.16
N ALA D 180 -46.35 16.26 -8.67
CA ALA D 180 -47.50 15.39 -8.69
C ALA D 180 -48.11 15.40 -7.29
N THR D 181 -49.31 14.86 -7.13
CA THR D 181 -49.89 14.66 -5.81
C THR D 181 -49.74 13.19 -5.34
N PRO D 182 -48.69 12.92 -4.56
CA PRO D 182 -48.38 11.60 -4.03
C PRO D 182 -49.39 11.08 -3.03
N VAL D 183 -49.87 9.85 -3.22
CA VAL D 183 -50.53 9.13 -2.15
C VAL D 183 -49.70 7.94 -1.75
N SER D 184 -49.46 7.80 -0.46
CA SER D 184 -48.57 6.76 0.00
C SER D 184 -49.31 5.56 0.55
N MET D 185 -49.00 4.42 -0.03
CA MET D 185 -49.56 3.14 0.40
C MET D 185 -48.66 1.94 -0.04
N PRO D 186 -48.75 0.84 0.69
CA PRO D 186 -48.14 -0.41 0.21
C PRO D 186 -48.82 -0.97 -1.04
N MET D 187 -48.14 -1.90 -1.71
CA MET D 187 -48.59 -2.38 -3.03
C MET D 187 -49.93 -3.09 -3.04
N PRO D 188 -50.19 -3.93 -2.05
CA PRO D 188 -51.48 -4.61 -2.18
C PRO D 188 -52.68 -3.62 -2.08
N GLU D 189 -52.46 -2.40 -1.62
CA GLU D 189 -53.57 -1.44 -1.56
C GLU D 189 -53.86 -0.79 -2.93
N VAL D 190 -52.92 -0.89 -3.86
CA VAL D 190 -52.95 -0.08 -5.07
C VAL D 190 -54.06 -0.47 -6.07
N PRO D 191 -54.23 -1.76 -6.38
CA PRO D 191 -55.25 -2.08 -7.41
C PRO D 191 -56.63 -1.43 -7.11
N GLU D 192 -57.01 -1.44 -5.84
CA GLU D 192 -58.30 -0.94 -5.38
C GLU D 192 -58.37 0.59 -5.46
N ALA D 193 -57.23 1.24 -5.17
CA ALA D 193 -57.11 2.69 -5.28
C ALA D 193 -57.35 3.15 -6.72
N VAL D 194 -56.66 2.53 -7.67
CA VAL D 194 -56.86 2.87 -9.07
C VAL D 194 -58.30 2.66 -9.53
N GLN D 195 -58.90 1.55 -9.10
CA GLN D 195 -60.24 1.13 -9.51
C GLN D 195 -61.31 2.08 -8.95
N LYS D 196 -61.09 2.56 -7.73
CA LYS D 196 -62.05 3.43 -7.08
C LYS D 196 -61.77 4.90 -7.36
N GLY D 197 -60.62 5.22 -7.95
CA GLY D 197 -60.36 6.56 -8.42
C GLY D 197 -59.63 7.46 -7.43
N ILE D 198 -59.12 6.84 -6.36
CA ILE D 198 -58.29 7.51 -5.37
C ILE D 198 -56.95 8.00 -5.95
N ILE D 199 -56.41 7.22 -6.88
CA ILE D 199 -55.21 7.60 -7.59
C ILE D 199 -55.49 7.45 -9.09
N LYS D 200 -54.66 8.10 -9.90
CA LYS D 200 -54.79 8.00 -11.36
C LYS D 200 -53.60 7.24 -11.98
N GLY D 201 -52.80 6.60 -11.12
CA GLY D 201 -51.66 5.80 -11.54
C GLY D 201 -50.66 5.53 -10.41
N LEU D 202 -49.53 4.91 -10.75
CA LEU D 202 -48.56 4.51 -9.76
C LEU D 202 -47.13 4.64 -10.26
N PHE D 203 -46.21 4.73 -9.31
CA PHE D 203 -44.81 5.00 -9.54
C PHE D 203 -43.95 3.91 -8.89
N THR D 204 -43.55 2.93 -9.71
CA THR D 204 -42.76 1.77 -9.27
C THR D 204 -42.36 0.98 -10.52
N SER D 205 -41.85 -0.24 -10.34
CA SER D 205 -41.37 -1.04 -11.49
C SER D 205 -42.49 -1.74 -12.27
N LEU D 206 -42.17 -2.14 -13.50
CA LEU D 206 -43.16 -2.50 -14.49
C LEU D 206 -43.57 -3.95 -14.42
N ASP D 207 -42.90 -4.71 -13.55
CA ASP D 207 -43.29 -6.11 -13.33
C ASP D 207 -44.77 -6.26 -12.95
N VAL D 208 -45.33 -5.26 -12.26
CA VAL D 208 -46.70 -5.37 -11.76
C VAL D 208 -47.75 -5.19 -12.84
N MET D 209 -47.32 -4.78 -14.04
CA MET D 209 -48.23 -4.65 -15.18
C MET D 209 -48.86 -6.00 -15.49
N LYS D 210 -48.10 -7.07 -15.23
CA LYS D 210 -48.57 -8.44 -15.51
C LYS D 210 -48.93 -9.12 -14.24
N ASP D 211 -48.05 -8.98 -13.24
CA ASP D 211 -48.21 -9.76 -11.99
C ASP D 211 -49.33 -9.27 -11.07
N MET D 212 -49.79 -8.03 -11.28
CA MET D 212 -50.95 -7.49 -10.57
C MET D 212 -51.93 -6.92 -11.58
N ASN D 213 -51.80 -7.39 -12.81
CA ASN D 213 -52.67 -6.98 -13.90
C ASN D 213 -52.93 -5.46 -13.99
N PHE D 214 -51.93 -4.65 -13.70
CA PHE D 214 -52.08 -3.22 -13.93
C PHE D 214 -52.20 -2.91 -15.43
N ALA D 215 -51.83 -3.86 -16.27
CA ALA D 215 -52.01 -3.72 -17.73
C ALA D 215 -53.49 -3.49 -18.12
N GLU D 216 -54.42 -3.73 -17.19
CA GLU D 216 -55.83 -3.62 -17.53
C GLU D 216 -56.47 -2.41 -16.91
N MET D 217 -55.81 -1.82 -15.93
CA MET D 217 -56.36 -0.63 -15.29
C MET D 217 -55.51 0.62 -15.54
N THR D 218 -54.24 0.44 -15.90
CA THR D 218 -53.42 1.58 -16.30
C THR D 218 -52.77 1.32 -17.66
N GLY D 219 -53.33 1.92 -18.71
CA GLY D 219 -52.96 1.62 -20.08
C GLY D 219 -51.77 2.39 -20.65
N HIS D 220 -51.19 3.27 -19.83
CA HIS D 220 -50.09 4.11 -20.32
C HIS D 220 -48.89 4.05 -19.40
N VAL D 221 -47.73 3.85 -20.01
CA VAL D 221 -46.48 3.88 -19.28
C VAL D 221 -45.59 4.99 -19.84
N THR D 222 -45.01 5.77 -18.94
CA THR D 222 -44.05 6.81 -19.31
C THR D 222 -42.74 6.50 -18.63
N ARG D 223 -41.68 6.29 -19.41
CA ARG D 223 -40.41 5.89 -18.84
C ARG D 223 -39.85 7.08 -18.08
N ALA D 224 -39.67 6.87 -16.78
CA ALA D 224 -39.03 7.81 -15.87
C ALA D 224 -37.59 7.43 -15.48
N ASP D 225 -37.25 6.14 -15.50
CA ASP D 225 -35.91 5.65 -15.14
C ASP D 225 -35.50 6.03 -13.72
N GLN D 226 -36.47 6.09 -12.82
CA GLN D 226 -36.25 6.66 -11.50
C GLN D 226 -35.79 5.65 -10.44
N ALA D 227 -35.71 6.12 -9.21
CA ALA D 227 -35.32 5.33 -8.03
C ALA D 227 -35.94 3.93 -7.89
N VAL D 228 -35.26 3.04 -7.15
CA VAL D 228 -35.78 1.71 -6.89
C VAL D 228 -36.34 1.57 -5.47
N TYR D 229 -37.17 0.57 -5.22
CA TYR D 229 -37.54 0.20 -3.85
C TYR D 229 -36.65 -0.90 -3.21
N PRO D 230 -36.02 -0.55 -2.10
CA PRO D 230 -35.21 -1.59 -1.48
C PRO D 230 -36.06 -2.44 -0.50
N PHE D 231 -35.62 -3.66 -0.34
CA PHE D 231 -36.32 -4.62 0.51
C PHE D 231 -35.29 -5.31 1.40
N ALA D 232 -35.76 -5.89 2.49
CA ALA D 232 -34.93 -6.74 3.32
C ALA D 232 -35.67 -8.04 3.74
N VAL D 233 -34.95 -9.15 3.72
CA VAL D 233 -35.45 -10.40 4.27
C VAL D 233 -34.86 -10.53 5.68
N ILE D 234 -35.78 -10.66 6.62
CA ILE D 234 -35.48 -10.49 8.02
C ILE D 234 -35.98 -11.67 8.81
N MET D 235 -35.25 -11.94 9.90
CA MET D 235 -35.49 -13.12 10.72
C MET D 235 -35.54 -12.81 12.23
N ASN D 236 -36.50 -13.39 12.93
CA ASN D 236 -36.57 -13.21 14.37
C ASN D 236 -35.21 -13.56 14.99
N ARG D 237 -34.65 -12.67 15.79
CA ARG D 237 -33.31 -12.84 16.25
C ARG D 237 -33.18 -14.15 17.01
N GLU D 238 -34.12 -14.39 17.93
CA GLU D 238 -34.11 -15.56 18.79
C GLU D 238 -34.25 -16.86 17.98
N ALA D 239 -35.07 -16.81 16.95
CA ALA D 239 -35.22 -17.94 16.07
C ALA D 239 -33.97 -18.18 15.24
N TRP D 240 -33.27 -17.15 14.80
CA TRP D 240 -31.98 -17.34 14.09
C TRP D 240 -30.88 -17.93 15.01
N GLU D 241 -30.79 -17.45 16.24
CA GLU D 241 -29.80 -18.00 17.18
C GLU D 241 -29.99 -19.49 17.52
N ARG D 242 -31.21 -19.99 17.41
CA ARG D 242 -31.45 -21.41 17.65
C ARG D 242 -31.04 -22.33 16.49
N LEU D 243 -30.53 -21.79 15.40
CA LEU D 243 -30.05 -22.65 14.31
C LEU D 243 -28.62 -23.07 14.61
N SER D 244 -28.29 -24.36 14.41
CA SER D 244 -26.91 -24.84 14.51
C SER D 244 -26.00 -24.00 13.65
N PRO D 245 -24.74 -23.79 14.10
CA PRO D 245 -23.81 -22.96 13.32
C PRO D 245 -23.63 -23.37 11.85
N ASP D 246 -23.89 -24.64 11.52
CA ASP D 246 -23.70 -25.11 10.16
C ASP D 246 -24.84 -24.65 9.23
N VAL D 247 -26.04 -24.61 9.80
CA VAL D 247 -27.21 -24.20 9.04
C VAL D 247 -27.12 -22.69 8.84
N GLN D 248 -26.71 -21.97 9.89
CA GLN D 248 -26.45 -20.55 9.77
C GLN D 248 -25.46 -20.25 8.67
N GLN D 249 -24.50 -21.15 8.43
CA GLN D 249 -23.47 -20.90 7.43
C GLN D 249 -24.12 -21.01 6.08
N VAL D 250 -25.02 -21.97 5.92
CA VAL D 250 -25.77 -22.14 4.68
C VAL D 250 -26.58 -20.89 4.38
N LEU D 251 -27.25 -20.36 5.39
CA LEU D 251 -28.08 -19.20 5.21
C LEU D 251 -27.22 -18.02 4.85
N ASP D 252 -26.15 -17.79 5.60
CA ASP D 252 -25.23 -16.69 5.26
C ASP D 252 -24.57 -16.87 3.89
N GLY D 253 -24.24 -18.11 3.55
CA GLY D 253 -23.72 -18.42 2.24
C GLY D 253 -24.62 -18.14 1.04
N LEU D 254 -25.92 -18.06 1.25
CA LEU D 254 -26.86 -17.80 0.16
C LEU D 254 -27.06 -16.28 -0.13
N ALA D 255 -26.88 -15.45 0.89
CA ALA D 255 -27.29 -14.04 0.88
C ALA D 255 -26.97 -13.23 -0.42
N ALA D 256 -25.67 -13.09 -0.71
CA ALA D 256 -25.17 -12.45 -1.95
C ALA D 256 -25.73 -13.04 -3.25
N GLU D 257 -25.54 -14.35 -3.44
CA GLU D 257 -26.14 -15.11 -4.57
C GLU D 257 -27.65 -14.84 -4.77
N HIS D 258 -28.40 -14.84 -3.69
CA HIS D 258 -29.84 -14.70 -3.83
C HIS D 258 -30.25 -13.25 -4.19
N ALA D 259 -29.46 -12.30 -3.72
CA ALA D 259 -29.73 -10.88 -4.02
C ALA D 259 -29.58 -10.61 -5.54
N ALA D 260 -28.50 -11.14 -6.11
CA ALA D 260 -28.25 -11.03 -7.56
C ALA D 260 -29.23 -11.85 -8.39
N TRP D 261 -29.62 -13.01 -7.84
CA TRP D 261 -30.60 -13.90 -8.48
C TRP D 261 -32.01 -13.22 -8.52
N THR D 262 -32.48 -12.73 -7.38
CA THR D 262 -33.74 -11.97 -7.34
C THR D 262 -33.67 -10.82 -8.32
N GLY D 263 -32.59 -10.05 -8.28
CA GLY D 263 -32.43 -8.95 -9.21
C GLY D 263 -32.41 -9.28 -10.71
N ARG D 264 -31.68 -10.35 -11.09
CA ARG D 264 -31.60 -10.82 -12.45
C ARG D 264 -32.91 -11.44 -12.89
N TYR D 265 -33.58 -12.13 -11.98
CA TYR D 265 -34.94 -12.59 -12.28
C TYR D 265 -35.80 -11.38 -12.70
N LEU D 266 -35.82 -10.36 -11.85
CA LEU D 266 -36.72 -9.21 -12.07
C LEU D 266 -36.42 -8.45 -13.34
N ASP D 267 -35.15 -8.39 -13.74
CA ASP D 267 -34.81 -7.68 -14.96
C ASP D 267 -35.41 -8.38 -16.19
N ALA D 268 -35.19 -9.68 -16.27
CA ALA D 268 -35.80 -10.53 -17.27
C ALA D 268 -37.33 -10.43 -17.21
N HIS D 269 -37.92 -10.60 -16.04
CA HIS D 269 -39.36 -10.64 -15.93
C HIS D 269 -40.07 -9.29 -16.27
N VAL D 270 -39.46 -8.17 -15.88
CA VAL D 270 -39.87 -6.85 -16.41
C VAL D 270 -39.98 -6.80 -17.97
N GLN D 271 -38.99 -7.33 -18.68
CA GLN D 271 -39.03 -7.33 -20.14
C GLN D 271 -40.14 -8.23 -20.66
N ASP D 272 -40.41 -9.32 -19.94
CA ASP D 272 -41.44 -10.28 -20.29
C ASP D 272 -42.81 -9.70 -20.04
N SER D 273 -42.92 -8.92 -18.97
CA SER D 273 -44.22 -8.40 -18.52
C SER D 273 -44.72 -7.23 -19.39
N MET D 274 -43.78 -6.42 -19.89
CA MET D 274 -44.08 -5.27 -20.76
C MET D 274 -44.44 -5.71 -22.17
N ARG D 275 -43.77 -6.74 -22.68
CA ARG D 275 -44.10 -7.26 -24.00
C ARG D 275 -45.47 -8.00 -23.97
N TRP D 276 -45.80 -8.60 -22.83
CA TRP D 276 -47.14 -9.12 -22.57
C TRP D 276 -48.17 -8.01 -22.50
N ALA D 277 -47.86 -6.94 -21.76
CA ALA D 277 -48.78 -5.82 -21.62
C ALA D 277 -49.00 -5.12 -22.95
N GLU D 278 -47.93 -4.91 -23.71
CA GLU D 278 -47.99 -4.16 -24.97
C GLU D 278 -48.72 -4.92 -26.09
N GLU D 279 -48.68 -6.24 -26.08
CA GLU D 279 -49.25 -6.99 -27.18
C GLU D 279 -50.52 -7.78 -26.84
N LYS D 280 -50.78 -7.97 -25.56
CA LYS D 280 -52.02 -8.62 -25.17
C LYS D 280 -53.03 -7.63 -24.61
N HIS D 281 -52.61 -6.41 -24.30
CA HIS D 281 -53.52 -5.39 -23.79
C HIS D 281 -53.25 -3.99 -24.33
N GLY D 282 -52.48 -3.91 -25.41
CA GLY D 282 -52.26 -2.67 -26.13
C GLY D 282 -51.70 -1.51 -25.31
N VAL D 283 -50.83 -1.80 -24.36
CA VAL D 283 -50.26 -0.74 -23.55
C VAL D 283 -49.38 0.21 -24.37
N GLN D 284 -49.44 1.48 -23.99
CA GLN D 284 -48.76 2.53 -24.70
C GLN D 284 -47.57 3.02 -23.88
N VAL D 285 -46.42 3.17 -24.52
CA VAL D 285 -45.23 3.64 -23.84
C VAL D 285 -44.93 5.03 -24.36
N HIS D 286 -44.59 5.96 -23.47
CA HIS D 286 -44.24 7.31 -23.89
C HIS D 286 -42.90 7.71 -23.32
N THR D 287 -42.21 8.60 -24.01
CA THR D 287 -40.93 9.12 -23.53
C THR D 287 -40.97 10.63 -23.34
N LEU D 288 -40.38 11.05 -22.24
CA LEU D 288 -40.35 12.44 -21.86
C LEU D 288 -39.24 13.17 -22.60
N PRO D 289 -39.54 14.42 -23.03
CA PRO D 289 -38.60 15.34 -23.68
C PRO D 289 -37.38 15.50 -22.81
N GLU D 290 -36.21 15.68 -23.43
CA GLU D 290 -34.97 15.70 -22.69
C GLU D 290 -34.89 16.91 -21.75
N GLU D 291 -35.47 18.04 -22.15
CA GLU D 291 -35.54 19.16 -21.23
C GLU D 291 -36.20 18.73 -19.94
N ASP D 292 -37.32 18.00 -20.07
CA ASP D 292 -38.09 17.56 -18.91
C ASP D 292 -37.31 16.60 -18.00
N ILE D 293 -36.44 15.77 -18.58
CA ILE D 293 -35.61 14.85 -17.78
C ILE D 293 -34.54 15.60 -16.97
N ALA D 294 -33.98 16.65 -17.56
CA ALA D 294 -32.95 17.41 -16.84
C ALA D 294 -33.59 18.17 -15.70
N ALA D 295 -34.82 18.62 -15.93
CA ALA D 295 -35.62 19.30 -14.92
C ALA D 295 -36.16 18.27 -13.90
N MET D 296 -36.21 17.00 -14.30
CA MET D 296 -36.49 15.95 -13.36
C MET D 296 -35.39 15.97 -12.31
N ARG D 297 -34.14 15.74 -12.74
CA ARG D 297 -33.03 15.62 -11.78
C ARG D 297 -32.74 16.90 -10.96
N ARG D 298 -33.07 18.07 -11.48
CA ARG D 298 -32.90 19.29 -10.69
C ARG D 298 -33.89 19.39 -9.52
N SER D 299 -35.16 19.09 -9.81
CA SER D 299 -36.21 19.06 -8.80
C SER D 299 -35.90 18.16 -7.61
N VAL D 300 -35.31 16.99 -7.88
CA VAL D 300 -35.15 15.97 -6.85
C VAL D 300 -33.89 16.14 -6.02
N GLN D 301 -32.92 16.92 -6.53
CA GLN D 301 -31.61 17.04 -5.86
C GLN D 301 -31.63 17.36 -4.35
N PRO D 302 -32.46 18.32 -3.90
CA PRO D 302 -32.49 18.54 -2.44
C PRO D 302 -32.76 17.26 -1.59
N LEU D 303 -33.35 16.21 -2.18
CA LEU D 303 -33.65 14.95 -1.45
C LEU D 303 -32.39 14.25 -0.94
N PHE D 304 -31.28 14.40 -1.64
CA PHE D 304 -30.00 13.93 -1.11
C PHE D 304 -29.59 14.60 0.20
N ASP D 305 -29.73 15.92 0.23
CA ASP D 305 -29.40 16.70 1.42
C ASP D 305 -30.29 16.38 2.58
N ALA D 306 -31.59 16.22 2.28
CA ALA D 306 -32.58 15.84 3.30
C ALA D 306 -32.29 14.42 3.79
N TRP D 307 -31.94 13.52 2.88
CA TRP D 307 -31.54 12.20 3.34
C TRP D 307 -30.33 12.30 4.24
N ALA D 308 -29.33 13.09 3.86
CA ALA D 308 -28.05 13.12 4.59
C ALA D 308 -28.17 13.79 5.94
N GLN D 309 -29.03 14.82 5.96
CA GLN D 309 -29.45 15.53 7.16
C GLN D 309 -30.03 14.56 8.19
N ARG D 310 -31.06 13.79 7.80
CA ARG D 310 -31.62 12.79 8.72
C ARG D 310 -30.59 11.73 9.15
N ALA D 311 -29.82 11.17 8.22
CA ALA D 311 -28.80 10.17 8.58
C ALA D 311 -27.79 10.69 9.63
N ALA D 312 -27.25 11.89 9.42
CA ALA D 312 -26.28 12.44 10.35
C ALA D 312 -26.95 12.80 11.70
N ASP D 313 -28.23 13.18 11.69
CA ASP D 313 -28.98 13.33 12.95
C ASP D 313 -28.94 12.02 13.77
N LYS D 314 -28.91 10.88 13.09
CA LYS D 314 -29.01 9.59 13.78
C LYS D 314 -27.66 8.85 13.88
N GLY D 315 -26.58 9.62 13.90
CA GLY D 315 -25.26 9.10 14.20
C GLY D 315 -24.38 8.60 13.06
N ALA D 316 -24.91 8.51 11.85
CA ALA D 316 -24.12 8.00 10.71
C ALA D 316 -23.32 9.03 9.91
N ASP D 317 -22.52 8.51 8.98
CA ASP D 317 -21.69 9.33 8.12
C ASP D 317 -22.20 9.29 6.67
N PRO D 318 -23.06 10.25 6.31
CA PRO D 318 -23.75 10.15 5.02
C PRO D 318 -22.83 10.33 3.81
N ASP D 319 -21.76 11.11 3.96
CA ASP D 319 -20.82 11.36 2.87
C ASP D 319 -19.94 10.15 2.59
N ALA D 320 -19.59 9.41 3.62
CA ALA D 320 -18.89 8.15 3.48
C ALA D 320 -19.85 7.08 2.99
N VAL D 321 -21.09 7.07 3.50
CA VAL D 321 -22.02 6.08 2.95
C VAL D 321 -22.19 6.29 1.45
N MET D 322 -22.35 7.52 1.01
CA MET D 322 -22.60 7.75 -0.41
C MET D 322 -21.37 7.49 -1.28
N ARG D 323 -20.18 7.72 -0.74
CA ARG D 323 -19.00 7.43 -1.50
C ARG D 323 -18.90 5.90 -1.65
N THR D 324 -19.34 5.19 -0.62
CA THR D 324 -19.36 3.75 -0.67
C THR D 324 -20.37 3.20 -1.68
N VAL D 325 -21.50 3.86 -1.81
CA VAL D 325 -22.44 3.48 -2.88
C VAL D 325 -21.90 3.73 -4.30
N ASP D 326 -21.33 4.91 -4.52
CA ASP D 326 -20.72 5.27 -5.80
C ASP D 326 -19.58 4.30 -6.20
N ALA D 327 -18.78 3.88 -5.21
CA ALA D 327 -17.63 3.02 -5.48
C ALA D 327 -18.12 1.58 -5.78
N LEU D 328 -19.15 1.13 -5.06
CA LEU D 328 -19.74 -0.20 -5.27
C LEU D 328 -20.43 -0.24 -6.59
N LYS D 329 -21.21 0.79 -6.87
CA LYS D 329 -21.93 0.89 -8.14
C LYS D 329 -20.99 0.79 -9.35
N ALA D 330 -19.83 1.45 -9.29
CA ALA D 330 -18.86 1.37 -10.38
C ALA D 330 -18.32 -0.08 -10.55
N GLN D 331 -17.91 -0.69 -9.44
CA GLN D 331 -17.27 -2.00 -9.48
C GLN D 331 -18.24 -3.08 -9.96
N TYR D 332 -19.50 -2.96 -9.58
CA TYR D 332 -20.54 -3.93 -9.92
C TYR D 332 -21.24 -3.68 -11.25
N GLY D 333 -20.70 -2.79 -12.08
CA GLY D 333 -21.26 -2.52 -13.39
C GLY D 333 -22.59 -1.76 -13.44
N GLY D 334 -22.97 -1.16 -12.33
CA GLY D 334 -24.16 -0.33 -12.31
C GLY D 334 -24.06 0.95 -13.13
#